data_6IQL
#
_entry.id   6IQL
#
_cell.length_a   46.700
_cell.length_b   142.000
_cell.length_c   146.000
_cell.angle_alpha   90.000
_cell.angle_beta   90.000
_cell.angle_gamma   90.000
#
_symmetry.space_group_name_H-M   'P 21 2 21'
#
loop_
_entity.id
_entity.type
_entity.pdbx_description
1 polymer 'D(4) dopamine receptor,Soluble cytochrome b562,D(4) dopamine receptor'
2 non-polymer 3-{[4-(4-chlorophenyl)piperazin-1-yl]methyl}-1H-pyrrolo[2,3-b]pyridine
#
_entity_poly.entity_id   1
_entity_poly.type   'polypeptide(L)'
_entity_poly.pdbx_seq_one_letter_code
;DYKDDDDKEFTGAGLGGAGAAALVGGVLLIGLVLAGNSLVCVSVASERTLQTPTNYFIVSLAAADLLLAVLVLPLFVYSE
VQGGVWLLSPRLCDTLMAMDVMLCTASIWNLCAISVDRFVAVTVPLRYNQQGQCQLLLIAATWLLSAAVASPVVCGLNDV
PGRDPAVCRLENRDYVVYSSVCSFFLPCILMLLLYWATFRGLRRWEADLEDNWETLNDNLKVIEKADNAAQVKDALTKMR
AAALDAQKATPPKLEDKSPDSPEMKDFRHGFDILVGQIDDALKLANEGKVKEAQAAAEQLKTTRNAYIQKYLKITGRERK
AMRVLAVVVGAFLVCWTPFFVVHITRALCPACFVSPRLVSAVTWLGYVNSALNPIIYTIFNAEFRSVFRKTLRLRC
;
_entity_poly.pdbx_strand_id   A,B
#
# COMPACT_ATOMS: atom_id res chain seq x y z
N GLY A 19 -29.23 -16.61 -17.41
CA GLY A 19 -28.16 -16.78 -18.37
C GLY A 19 -26.96 -15.90 -18.09
N ALA A 20 -27.14 -14.58 -18.16
CA ALA A 20 -26.03 -13.66 -17.96
C ALA A 20 -25.87 -13.34 -16.48
N ALA A 21 -26.08 -14.34 -15.62
CA ALA A 21 -25.88 -14.13 -14.19
C ALA A 21 -24.42 -13.84 -13.87
N ALA A 22 -23.50 -14.31 -14.71
CA ALA A 22 -22.09 -14.00 -14.51
C ALA A 22 -21.75 -12.58 -14.92
N LEU A 23 -22.60 -11.94 -15.73
CA LEU A 23 -22.34 -10.55 -16.12
C LEU A 23 -22.49 -9.62 -14.92
N VAL A 24 -23.68 -9.61 -14.31
CA VAL A 24 -23.92 -8.73 -13.16
C VAL A 24 -23.02 -9.13 -11.99
N GLY A 25 -23.01 -10.42 -11.66
CA GLY A 25 -22.13 -10.88 -10.59
C GLY A 25 -20.66 -10.61 -10.88
N GLY A 26 -20.25 -10.81 -12.13
CA GLY A 26 -18.86 -10.55 -12.48
C GLY A 26 -18.48 -9.09 -12.35
N VAL A 27 -19.32 -8.19 -12.83
CA VAL A 27 -18.99 -6.77 -12.75
C VAL A 27 -19.04 -6.29 -11.31
N LEU A 28 -19.98 -6.80 -10.50
CA LEU A 28 -20.00 -6.44 -9.10
C LEU A 28 -18.74 -6.92 -8.39
N LEU A 29 -18.34 -8.17 -8.66
CA LEU A 29 -17.13 -8.72 -8.05
C LEU A 29 -15.90 -7.92 -8.43
N ILE A 30 -15.76 -7.61 -9.74
CA ILE A 30 -14.57 -6.90 -10.18
C ILE A 30 -14.56 -5.47 -9.66
N GLY A 31 -15.72 -4.83 -9.57
CA GLY A 31 -15.76 -3.48 -9.04
C GLY A 31 -15.42 -3.42 -7.55
N LEU A 32 -16.00 -4.34 -6.77
CA LEU A 32 -15.74 -4.34 -5.35
C LEU A 32 -14.40 -4.96 -4.97
N VAL A 33 -13.72 -5.63 -5.91
CA VAL A 33 -12.34 -6.04 -5.68
C VAL A 33 -11.35 -4.99 -6.20
N LEU A 34 -11.75 -4.15 -7.16
CA LEU A 34 -10.95 -2.99 -7.51
C LEU A 34 -10.99 -1.95 -6.41
N ALA A 35 -12.17 -1.70 -5.84
CA ALA A 35 -12.29 -0.78 -4.72
C ALA A 35 -11.89 -1.42 -3.40
N GLY A 36 -11.92 -2.74 -3.31
CA GLY A 36 -11.62 -3.44 -2.07
C GLY A 36 -10.17 -3.35 -1.64
N ASN A 37 -9.31 -4.14 -2.28
CA ASN A 37 -7.91 -4.21 -1.89
C ASN A 37 -7.15 -2.91 -2.16
N SER A 38 -7.70 -2.01 -2.96
CA SER A 38 -7.01 -0.76 -3.24
C SER A 38 -6.90 0.11 -1.98
N LEU A 39 -7.94 0.09 -1.14
CA LEU A 39 -7.88 0.86 0.11
C LEU A 39 -6.88 0.26 1.09
N VAL A 40 -6.72 -1.07 1.07
CA VAL A 40 -5.73 -1.71 1.92
C VAL A 40 -4.32 -1.27 1.53
N CYS A 41 -4.12 -0.89 0.27
CA CYS A 41 -2.85 -0.35 -0.19
C CYS A 41 -2.74 1.15 0.04
N VAL A 42 -3.86 1.89 -0.01
CA VAL A 42 -3.82 3.32 0.20
C VAL A 42 -3.69 3.67 1.69
N SER A 43 -4.04 2.75 2.59
CA SER A 43 -4.01 3.07 4.01
C SER A 43 -2.60 2.96 4.59
N VAL A 44 -1.92 1.85 4.35
CA VAL A 44 -0.61 1.62 4.96
C VAL A 44 0.40 2.62 4.43
N ALA A 45 0.52 2.73 3.11
CA ALA A 45 1.50 3.60 2.49
C ALA A 45 1.29 5.07 2.83
N SER A 46 0.16 5.41 3.43
CA SER A 46 -0.13 6.79 3.85
C SER A 46 0.22 7.03 5.31
N GLU A 47 -0.40 6.27 6.21
CA GLU A 47 -0.21 6.46 7.64
C GLU A 47 1.12 5.86 8.09
N ARG A 48 1.62 6.38 9.21
CA ARG A 48 2.86 5.91 9.82
C ARG A 48 2.65 5.10 11.08
N THR A 49 1.54 5.32 11.79
CA THR A 49 1.24 4.57 13.00
C THR A 49 0.65 3.19 12.71
N LEU A 50 0.42 2.87 11.43
CA LEU A 50 -0.17 1.59 11.05
C LEU A 50 0.76 0.74 10.18
N GLN A 51 1.83 1.32 9.64
CA GLN A 51 2.82 0.57 8.86
C GLN A 51 3.63 -0.31 9.80
N THR A 52 3.43 -1.61 9.70
CA THR A 52 4.19 -2.64 10.41
C THR A 52 4.59 -3.70 9.40
N PRO A 53 5.60 -4.52 9.72
CA PRO A 53 5.93 -5.62 8.80
C PRO A 53 4.75 -6.55 8.55
N THR A 54 3.91 -6.77 9.56
CA THR A 54 2.65 -7.50 9.35
C THR A 54 1.77 -6.75 8.35
N ASN A 55 1.63 -5.44 8.53
CA ASN A 55 0.81 -4.66 7.60
C ASN A 55 1.48 -4.51 6.24
N TYR A 56 2.81 -4.57 6.19
CA TYR A 56 3.49 -4.60 4.89
C TYR A 56 3.19 -5.90 4.15
N PHE A 57 3.17 -7.02 4.87
CA PHE A 57 2.75 -8.29 4.27
C PHE A 57 1.30 -8.21 3.81
N ILE A 58 0.45 -7.56 4.60
CA ILE A 58 -0.94 -7.37 4.21
C ILE A 58 -1.03 -6.54 2.94
N VAL A 59 -0.17 -5.53 2.80
CA VAL A 59 -0.15 -4.71 1.59
C VAL A 59 0.27 -5.54 0.39
N SER A 60 1.32 -6.36 0.55
CA SER A 60 1.72 -7.24 -0.55
C SER A 60 0.58 -8.17 -0.95
N LEU A 61 -0.11 -8.75 0.03
CA LEU A 61 -1.21 -9.65 -0.25
C LEU A 61 -2.34 -8.93 -0.98
N ALA A 62 -2.68 -7.71 -0.54
CA ALA A 62 -3.79 -6.98 -1.15
C ALA A 62 -3.43 -6.51 -2.55
N ALA A 63 -2.18 -6.10 -2.76
CA ALA A 63 -1.74 -5.70 -4.10
C ALA A 63 -1.69 -6.90 -5.03
N ALA A 64 -1.44 -8.10 -4.50
CA ALA A 64 -1.56 -9.30 -5.31
C ALA A 64 -3.00 -9.51 -5.75
N ASP A 65 -3.96 -9.28 -4.86
CA ASP A 65 -5.37 -9.40 -5.23
C ASP A 65 -5.79 -8.28 -6.17
N LEU A 66 -5.20 -7.10 -6.03
CA LEU A 66 -5.47 -6.01 -6.97
C LEU A 66 -4.98 -6.33 -8.36
N LEU A 67 -3.89 -7.11 -8.46
CA LEU A 67 -3.34 -7.45 -9.77
C LEU A 67 -4.23 -8.46 -10.49
N LEU A 68 -4.76 -9.45 -9.77
CA LEU A 68 -5.62 -10.45 -10.38
C LEU A 68 -6.92 -9.85 -10.90
N ALA A 69 -7.30 -8.67 -10.44
CA ALA A 69 -8.55 -8.04 -10.85
C ALA A 69 -8.53 -7.52 -12.27
N VAL A 70 -7.36 -7.42 -12.90
CA VAL A 70 -7.24 -6.83 -14.24
C VAL A 70 -6.58 -7.79 -15.22
N LEU A 71 -5.57 -8.52 -14.80
CA LEU A 71 -4.88 -9.44 -15.70
C LEU A 71 -5.58 -10.79 -15.83
N VAL A 72 -6.64 -11.02 -15.07
CA VAL A 72 -7.35 -12.30 -15.12
C VAL A 72 -8.85 -12.06 -15.16
N LEU A 73 -9.38 -11.36 -14.16
CA LEU A 73 -10.82 -11.22 -13.97
C LEU A 73 -11.56 -10.71 -15.21
N PRO A 74 -11.15 -9.62 -15.86
CA PRO A 74 -11.93 -9.17 -17.04
C PRO A 74 -11.90 -10.17 -18.17
N LEU A 75 -10.73 -10.73 -18.49
CA LEU A 75 -10.64 -11.68 -19.59
C LEU A 75 -11.30 -13.00 -19.23
N PHE A 76 -11.19 -13.43 -17.97
CA PHE A 76 -11.89 -14.63 -17.53
C PHE A 76 -13.40 -14.45 -17.63
N VAL A 77 -13.91 -13.28 -17.24
CA VAL A 77 -15.34 -13.03 -17.33
C VAL A 77 -15.78 -12.97 -18.79
N TYR A 78 -14.98 -12.35 -19.66
CA TYR A 78 -15.32 -12.31 -21.08
C TYR A 78 -15.32 -13.71 -21.69
N SER A 79 -14.42 -14.58 -21.24
CA SER A 79 -14.46 -15.97 -21.69
C SER A 79 -15.72 -16.66 -21.17
N GLU A 80 -16.11 -16.39 -19.93
CA GLU A 80 -17.33 -16.96 -19.38
C GLU A 80 -18.59 -16.41 -20.05
N VAL A 81 -18.49 -15.25 -20.71
CA VAL A 81 -19.65 -14.70 -21.41
C VAL A 81 -19.98 -15.53 -22.64
N GLN A 82 -18.94 -15.89 -23.42
CA GLN A 82 -19.14 -16.77 -24.57
C GLN A 82 -19.43 -18.22 -24.17
N GLY A 83 -19.50 -18.51 -22.88
CA GLY A 83 -19.73 -19.86 -22.40
C GLY A 83 -18.48 -20.63 -22.05
N GLY A 84 -17.33 -19.98 -21.98
CA GLY A 84 -16.08 -20.65 -21.74
C GLY A 84 -15.31 -21.04 -22.98
N VAL A 85 -15.82 -20.70 -24.16
CA VAL A 85 -15.15 -21.04 -25.42
C VAL A 85 -14.15 -19.93 -25.75
N TRP A 86 -12.87 -20.29 -25.85
CA TRP A 86 -11.84 -19.33 -26.16
C TRP A 86 -11.75 -19.13 -27.66
N LEU A 87 -11.40 -17.90 -28.07
CA LEU A 87 -11.36 -17.53 -29.47
C LEU A 87 -9.99 -17.13 -29.98
N LEU A 88 -9.14 -16.54 -29.14
CA LEU A 88 -7.83 -16.07 -29.57
C LEU A 88 -6.85 -17.25 -29.66
N SER A 89 -5.58 -16.94 -29.84
CA SER A 89 -4.55 -17.97 -30.05
C SER A 89 -4.24 -18.69 -28.75
N PRO A 90 -3.26 -19.60 -28.76
CA PRO A 90 -2.95 -20.35 -27.54
C PRO A 90 -1.99 -19.61 -26.63
N ARG A 91 -1.15 -18.73 -27.19
CA ARG A 91 -0.16 -18.02 -26.40
C ARG A 91 -0.82 -17.08 -25.40
N LEU A 92 -1.83 -16.33 -25.83
CA LEU A 92 -2.50 -15.40 -24.93
C LEU A 92 -3.20 -16.14 -23.80
N CYS A 93 -3.89 -17.24 -24.13
CA CYS A 93 -4.56 -18.03 -23.10
C CYS A 93 -3.55 -18.63 -22.13
N ASP A 94 -2.40 -19.07 -22.64
CA ASP A 94 -1.37 -19.61 -21.77
C ASP A 94 -0.82 -18.54 -20.82
N THR A 95 -0.58 -17.33 -21.36
CA THR A 95 -0.10 -16.24 -20.51
C THR A 95 -1.12 -15.91 -19.42
N LEU A 96 -2.40 -15.81 -19.79
CA LEU A 96 -3.42 -15.48 -18.80
C LEU A 96 -3.56 -16.58 -17.74
N MET A 97 -3.51 -17.85 -18.17
CA MET A 97 -3.64 -18.95 -17.23
C MET A 97 -2.45 -19.00 -16.26
N ALA A 98 -1.23 -18.87 -16.80
CA ALA A 98 -0.05 -18.83 -15.94
C ALA A 98 -0.08 -17.62 -15.02
N MET A 99 -0.62 -16.49 -15.49
CA MET A 99 -0.79 -15.33 -14.63
C MET A 99 -1.71 -15.66 -13.46
N ASP A 100 -2.82 -16.32 -13.74
CA ASP A 100 -3.75 -16.68 -12.68
C ASP A 100 -3.11 -17.65 -11.68
N VAL A 101 -2.37 -18.64 -12.19
CA VAL A 101 -1.69 -19.59 -11.30
C VAL A 101 -0.70 -18.86 -10.41
N MET A 102 0.13 -17.99 -11.00
CA MET A 102 1.10 -17.24 -10.22
C MET A 102 0.42 -16.36 -9.19
N LEU A 103 -0.70 -15.73 -9.56
CA LEU A 103 -1.37 -14.82 -8.65
C LEU A 103 -2.03 -15.55 -7.48
N CYS A 104 -2.69 -16.68 -7.75
CA CYS A 104 -3.29 -17.42 -6.65
C CYS A 104 -2.23 -18.02 -5.74
N THR A 105 -1.16 -18.56 -6.33
CA THR A 105 -0.06 -19.07 -5.51
C THR A 105 0.56 -17.95 -4.68
N ALA A 106 0.66 -16.76 -5.25
CA ALA A 106 1.24 -15.63 -4.53
C ALA A 106 0.33 -15.19 -3.39
N SER A 107 -0.98 -15.20 -3.60
CA SER A 107 -1.90 -14.83 -2.52
C SER A 107 -1.84 -15.84 -1.39
N ILE A 108 -1.81 -17.14 -1.71
CA ILE A 108 -1.82 -18.13 -0.64
C ILE A 108 -0.45 -18.17 0.08
N TRP A 109 0.65 -17.94 -0.64
CA TRP A 109 1.93 -17.85 0.04
C TRP A 109 2.12 -16.51 0.75
N ASN A 110 1.36 -15.48 0.37
CA ASN A 110 1.30 -14.28 1.19
C ASN A 110 0.57 -14.55 2.50
N LEU A 111 -0.52 -15.33 2.44
CA LEU A 111 -1.12 -15.85 3.67
C LEU A 111 -0.09 -16.61 4.49
N CYS A 112 0.74 -17.42 3.82
CA CYS A 112 1.79 -18.16 4.51
C CYS A 112 2.75 -17.23 5.25
N ALA A 113 3.28 -16.23 4.53
CA ALA A 113 4.21 -15.29 5.16
C ALA A 113 3.54 -14.48 6.27
N ILE A 114 2.27 -14.15 6.10
CA ILE A 114 1.55 -13.38 7.12
C ILE A 114 1.42 -14.19 8.40
N SER A 115 0.91 -15.42 8.29
CA SER A 115 0.75 -16.25 9.47
C SER A 115 2.06 -16.81 9.99
N VAL A 116 3.14 -16.69 9.23
CA VAL A 116 4.47 -17.02 9.76
C VAL A 116 5.03 -15.85 10.57
N ASP A 117 4.88 -14.63 10.05
CA ASP A 117 5.28 -13.45 10.83
C ASP A 117 4.46 -13.31 12.10
N ARG A 118 3.27 -13.90 12.16
CA ARG A 118 2.43 -13.85 13.36
C ARG A 118 2.92 -14.84 14.41
N PHE A 119 4.23 -14.81 14.70
CA PHE A 119 4.85 -15.58 15.78
C PHE A 119 5.74 -14.61 16.54
N VAL A 120 5.12 -13.85 17.45
CA VAL A 120 5.83 -12.83 18.20
C VAL A 120 6.75 -13.42 19.26
N ALA A 121 6.72 -14.74 19.45
CA ALA A 121 7.59 -15.41 20.41
C ALA A 121 9.02 -15.54 19.91
N VAL A 122 9.40 -14.82 18.87
CA VAL A 122 10.74 -14.88 18.30
C VAL A 122 11.52 -13.64 18.76
N THR A 123 12.83 -13.81 18.91
CA THR A 123 13.71 -12.71 19.28
C THR A 123 13.74 -11.64 18.20
N GLY A 132 12.82 -3.14 9.91
CA GLY A 132 13.52 -3.79 11.00
C GLY A 132 14.01 -5.18 10.65
N GLN A 133 13.20 -6.18 10.97
CA GLN A 133 13.56 -7.56 10.67
C GLN A 133 13.53 -7.79 9.16
N CYS A 134 14.19 -8.88 8.74
CA CYS A 134 14.29 -9.20 7.33
C CYS A 134 12.96 -9.70 6.77
N GLN A 135 11.97 -8.83 6.73
CA GLN A 135 10.69 -9.19 6.14
C GLN A 135 10.74 -9.26 4.62
N LEU A 136 11.85 -8.84 4.01
CA LEU A 136 11.99 -8.89 2.56
C LEU A 136 12.02 -10.34 2.06
N LEU A 137 12.69 -11.22 2.80
CA LEU A 137 12.90 -12.59 2.31
C LEU A 137 11.58 -13.35 2.20
N LEU A 138 10.64 -13.12 3.13
CA LEU A 138 9.39 -13.85 3.09
C LEU A 138 8.57 -13.48 1.85
N ILE A 139 8.34 -12.19 1.65
CA ILE A 139 7.60 -11.74 0.45
C ILE A 139 8.35 -12.15 -0.81
N ALA A 140 9.68 -12.06 -0.79
CA ALA A 140 10.47 -12.37 -1.97
C ALA A 140 10.35 -13.84 -2.34
N ALA A 141 10.47 -14.74 -1.36
CA ALA A 141 10.34 -16.16 -1.64
C ALA A 141 8.91 -16.52 -2.03
N THR A 142 7.92 -15.89 -1.40
CA THR A 142 6.54 -16.06 -1.82
C THR A 142 6.37 -15.72 -3.30
N TRP A 143 6.83 -14.54 -3.69
CA TRP A 143 6.66 -14.08 -5.06
C TRP A 143 7.48 -14.91 -6.04
N LEU A 144 8.63 -15.43 -5.62
CA LEU A 144 9.47 -16.21 -6.50
C LEU A 144 8.89 -17.61 -6.73
N LEU A 145 8.58 -18.32 -5.65
CA LEU A 145 7.97 -19.64 -5.80
C LEU A 145 6.60 -19.54 -6.47
N SER A 146 5.91 -18.42 -6.30
CA SER A 146 4.67 -18.20 -7.05
C SER A 146 4.94 -18.22 -8.55
N ALA A 147 6.03 -17.60 -8.98
CA ALA A 147 6.41 -17.66 -10.38
C ALA A 147 7.01 -19.01 -10.74
N ALA A 148 7.99 -19.47 -9.96
CA ALA A 148 8.70 -20.70 -10.27
C ALA A 148 7.76 -21.89 -10.38
N VAL A 149 6.67 -21.91 -9.61
CA VAL A 149 5.69 -22.98 -9.74
C VAL A 149 4.82 -22.75 -10.96
N ALA A 150 4.58 -21.50 -11.34
CA ALA A 150 3.67 -21.17 -12.44
C ALA A 150 4.36 -20.77 -13.72
N SER A 151 5.68 -20.59 -13.72
CA SER A 151 6.39 -20.10 -14.90
C SER A 151 6.56 -21.16 -15.99
N PRO A 152 7.02 -22.39 -15.69
CA PRO A 152 7.28 -23.35 -16.77
C PRO A 152 6.03 -23.79 -17.51
N VAL A 153 5.56 -22.95 -18.44
CA VAL A 153 4.43 -23.31 -19.30
C VAL A 153 4.83 -24.27 -20.40
N VAL A 154 6.15 -24.49 -20.58
CA VAL A 154 6.76 -25.29 -21.64
C VAL A 154 5.98 -25.16 -22.95
N CYS A 155 5.80 -23.91 -23.40
CA CYS A 155 5.16 -23.61 -24.69
C CYS A 155 3.76 -24.19 -24.76
N GLY A 156 2.99 -24.04 -23.69
CA GLY A 156 1.66 -24.61 -23.62
C GLY A 156 1.69 -26.11 -23.75
N LEU A 157 2.57 -26.76 -22.98
CA LEU A 157 2.81 -28.20 -23.07
C LEU A 157 3.28 -28.59 -24.47
N ASN A 158 4.25 -27.85 -24.97
CA ASN A 158 4.86 -28.10 -26.27
C ASN A 158 3.87 -28.16 -27.44
N ASP A 159 2.91 -27.23 -27.47
CA ASP A 159 1.96 -27.25 -28.57
C ASP A 159 1.35 -28.65 -28.67
N VAL A 160 0.78 -29.12 -27.57
CA VAL A 160 0.20 -30.46 -27.53
C VAL A 160 -0.80 -30.60 -28.68
N PRO A 161 -0.71 -31.79 -29.37
CA PRO A 161 -1.63 -31.90 -30.51
C PRO A 161 -3.13 -31.95 -30.23
N GLY A 162 -3.86 -31.29 -31.13
CA GLY A 162 -5.30 -31.22 -31.16
C GLY A 162 -5.87 -30.46 -29.98
N ARG A 163 -5.22 -29.34 -29.62
CA ARG A 163 -5.66 -28.53 -28.50
C ARG A 163 -7.06 -27.96 -28.75
N ASP A 164 -7.30 -27.53 -29.99
CA ASP A 164 -8.60 -26.96 -30.35
C ASP A 164 -8.91 -25.73 -29.48
N PRO A 165 -10.17 -25.64 -28.89
CA PRO A 165 -10.37 -24.44 -28.07
C PRO A 165 -10.26 -24.75 -26.58
N GLU A 171 -4.51 -25.85 -18.96
CA GLU A 171 -4.50 -27.03 -18.10
C GLU A 171 -3.78 -28.19 -18.78
N ASN A 172 -2.97 -28.92 -18.02
CA ASN A 172 -2.23 -30.06 -18.55
C ASN A 172 -1.96 -31.05 -17.42
N ARG A 173 -1.70 -32.29 -17.82
CA ARG A 173 -1.43 -33.35 -16.85
C ARG A 173 -0.04 -33.22 -16.24
N ASP A 174 0.11 -33.79 -15.04
CA ASP A 174 1.38 -33.82 -14.30
C ASP A 174 1.89 -32.43 -13.97
N TYR A 175 1.15 -31.39 -14.33
CA TYR A 175 1.47 -30.02 -13.98
C TYR A 175 0.33 -29.36 -13.24
N VAL A 176 -0.92 -29.67 -13.58
CA VAL A 176 -2.04 -29.22 -12.77
C VAL A 176 -1.97 -29.84 -11.38
N VAL A 177 -1.50 -31.08 -11.28
CA VAL A 177 -1.29 -31.71 -9.99
C VAL A 177 -0.23 -30.95 -9.20
N TYR A 178 0.84 -30.53 -9.87
CA TYR A 178 1.90 -29.78 -9.20
C TYR A 178 1.39 -28.43 -8.71
N SER A 179 0.65 -27.72 -9.57
CA SER A 179 0.12 -26.41 -9.22
C SER A 179 -1.12 -26.48 -8.33
N SER A 180 -1.62 -27.68 -8.05
CA SER A 180 -2.66 -27.87 -7.04
C SER A 180 -2.10 -28.35 -5.71
N VAL A 181 -0.95 -29.00 -5.71
CA VAL A 181 -0.31 -29.42 -4.47
C VAL A 181 0.52 -28.28 -3.89
N CYS A 182 1.47 -27.77 -4.67
CA CYS A 182 2.38 -26.74 -4.18
C CYS A 182 1.70 -25.40 -3.96
N SER A 183 0.51 -25.20 -4.54
CA SER A 183 -0.19 -23.93 -4.41
C SER A 183 -1.41 -24.00 -3.49
N PHE A 184 -1.86 -25.19 -3.10
CA PHE A 184 -3.02 -25.28 -2.24
C PHE A 184 -2.81 -26.20 -1.05
N PHE A 185 -2.56 -27.49 -1.30
CA PHE A 185 -2.48 -28.46 -0.21
C PHE A 185 -1.36 -28.11 0.77
N LEU A 186 -0.16 -27.85 0.25
CA LEU A 186 0.97 -27.51 1.12
C LEU A 186 0.72 -26.23 1.92
N PRO A 187 0.30 -25.11 1.33
CA PRO A 187 -0.04 -23.95 2.18
C PRO A 187 -1.23 -24.19 3.08
N CYS A 188 -2.14 -25.12 2.74
CA CYS A 188 -3.23 -25.45 3.65
C CYS A 188 -2.70 -26.12 4.92
N ILE A 189 -1.83 -27.12 4.77
CA ILE A 189 -1.22 -27.72 5.95
C ILE A 189 -0.36 -26.71 6.68
N LEU A 190 0.20 -25.74 5.95
CA LEU A 190 0.94 -24.66 6.61
C LEU A 190 0.02 -23.85 7.51
N MET A 191 -1.14 -23.43 7.00
CA MET A 191 -2.09 -22.68 7.82
C MET A 191 -2.53 -23.48 9.04
N LEU A 192 -2.80 -24.77 8.84
CA LEU A 192 -3.22 -25.62 9.96
C LEU A 192 -2.13 -25.67 11.04
N LEU A 193 -0.89 -25.95 10.63
CA LEU A 193 0.22 -25.98 11.58
C LEU A 193 0.37 -24.64 12.30
N LEU A 194 0.26 -23.53 11.57
CA LEU A 194 0.49 -22.23 12.17
C LEU A 194 -0.60 -21.89 13.19
N TYR A 195 -1.87 -22.18 12.88
CA TYR A 195 -2.90 -21.87 13.87
C TYR A 195 -2.82 -22.81 15.07
N TRP A 196 -2.48 -24.08 14.88
CA TRP A 196 -2.34 -24.96 16.02
C TRP A 196 -1.18 -24.53 16.92
N ALA A 197 -0.06 -24.12 16.30
CA ALA A 197 1.07 -23.63 17.07
C ALA A 197 0.71 -22.34 17.80
N THR A 198 -0.10 -21.48 17.17
CA THR A 198 -0.55 -20.26 17.82
C THR A 198 -1.40 -20.59 19.05
N PHE A 199 -2.35 -21.52 18.90
CA PHE A 199 -3.15 -21.97 20.03
C PHE A 199 -2.27 -22.47 21.17
N ARG A 200 -1.34 -23.37 20.86
CA ARG A 200 -0.49 -23.93 21.89
C ARG A 200 0.37 -22.86 22.56
N GLY A 201 0.92 -21.93 21.77
CA GLY A 201 1.77 -20.90 22.34
C GLY A 201 1.02 -19.92 23.22
N LEU A 202 -0.18 -19.51 22.79
CA LEU A 202 -0.97 -18.61 23.62
C LEU A 202 -1.43 -19.30 24.90
N ARG A 203 -1.75 -20.59 24.82
CA ARG A 203 -2.11 -21.32 26.03
C ARG A 203 -0.93 -21.44 26.98
N ARG A 204 0.27 -21.69 26.44
CA ARG A 204 1.46 -21.77 27.29
C ARG A 204 1.76 -20.42 27.94
N TRP A 205 1.62 -19.33 27.18
CA TRP A 205 1.84 -17.99 27.73
C TRP A 205 0.85 -17.70 28.86
N GLU A 206 -0.44 -17.95 28.61
CA GLU A 206 -1.43 -17.70 29.65
C GLU A 206 -1.28 -18.64 30.83
N ALA A 207 -0.71 -19.83 30.65
CA ALA A 207 -0.47 -20.71 31.78
C ALA A 207 0.71 -20.21 32.62
N ASP A 208 1.80 -19.82 31.98
CA ASP A 208 2.91 -19.23 32.72
C ASP A 208 2.51 -17.92 33.38
N LEU A 209 1.47 -17.25 32.88
CA LEU A 209 0.94 -16.08 33.59
C LEU A 209 0.01 -16.49 34.72
N GLU A 210 -0.83 -17.50 34.51
CA GLU A 210 -1.77 -17.96 35.52
C GLU A 210 -1.04 -18.50 36.75
N ASP A 211 0.16 -19.03 36.55
CA ASP A 211 1.01 -19.38 37.69
C ASP A 211 1.11 -18.19 38.65
N ASN A 212 1.59 -17.05 38.15
CA ASN A 212 1.70 -15.85 38.98
C ASN A 212 0.34 -15.37 39.44
N TRP A 213 -0.66 -15.45 38.56
CA TRP A 213 -2.03 -15.08 38.92
C TRP A 213 -2.47 -15.73 40.22
N GLU A 214 -2.26 -17.05 40.32
CA GLU A 214 -2.70 -17.77 41.52
C GLU A 214 -1.74 -17.58 42.69
N THR A 215 -0.43 -17.49 42.42
CA THR A 215 0.53 -17.34 43.52
C THR A 215 0.33 -16.03 44.25
N LEU A 216 0.07 -14.93 43.53
CA LEU A 216 -0.09 -13.65 44.21
C LEU A 216 -1.30 -13.67 45.14
N ASN A 217 -2.41 -14.24 44.67
CA ASN A 217 -3.61 -14.33 45.51
C ASN A 217 -3.36 -15.23 46.72
N ASP A 218 -2.71 -16.38 46.51
CA ASP A 218 -2.43 -17.28 47.63
C ASP A 218 -1.54 -16.61 48.66
N ASN A 219 -0.53 -15.87 48.21
CA ASN A 219 0.39 -15.22 49.14
C ASN A 219 -0.28 -14.07 49.89
N LEU A 220 -1.15 -13.31 49.20
CA LEU A 220 -1.89 -12.27 49.90
C LEU A 220 -2.83 -12.87 50.95
N LYS A 221 -3.49 -13.98 50.61
CA LYS A 221 -4.32 -14.67 51.58
C LYS A 221 -3.50 -15.13 52.78
N VAL A 222 -2.31 -15.68 52.53
CA VAL A 222 -1.44 -16.12 53.62
C VAL A 222 -1.04 -14.94 54.49
N ILE A 223 -0.68 -13.80 53.87
CA ILE A 223 -0.32 -12.61 54.63
C ILE A 223 -1.48 -12.19 55.53
N GLU A 224 -2.70 -12.20 55.00
CA GLU A 224 -3.86 -11.80 55.79
C GLU A 224 -4.29 -12.89 56.79
N LYS A 225 -3.61 -14.03 56.84
CA LYS A 225 -3.99 -15.09 57.77
C LYS A 225 -2.78 -15.77 58.42
N ALA A 226 -1.59 -15.17 58.33
CA ALA A 226 -0.39 -15.79 58.87
C ALA A 226 -0.43 -15.81 60.40
N ASP A 227 0.64 -16.29 61.00
CA ASP A 227 0.73 -16.43 62.44
C ASP A 227 2.03 -15.91 63.01
N ASN A 228 3.15 -16.09 62.31
CA ASN A 228 4.46 -15.66 62.78
C ASN A 228 5.10 -14.74 61.74
N ALA A 229 6.31 -14.27 62.05
CA ALA A 229 7.03 -13.36 61.15
C ALA A 229 7.60 -14.07 59.93
N ALA A 230 7.71 -15.39 59.96
CA ALA A 230 8.26 -16.13 58.83
C ALA A 230 7.23 -16.46 57.78
N GLN A 231 5.95 -16.56 58.15
CA GLN A 231 4.91 -16.86 57.17
C GLN A 231 4.64 -15.65 56.27
N VAL A 232 4.54 -14.46 56.85
CA VAL A 232 4.41 -13.25 56.04
C VAL A 232 5.64 -13.08 55.17
N LYS A 233 6.82 -13.42 55.70
CA LYS A 233 8.05 -13.32 54.93
C LYS A 233 8.02 -14.27 53.73
N ASP A 234 7.58 -15.51 53.94
CA ASP A 234 7.50 -16.47 52.83
C ASP A 234 6.46 -16.05 51.81
N ALA A 235 5.33 -15.51 52.27
CA ALA A 235 4.30 -15.06 51.35
C ALA A 235 4.79 -13.88 50.51
N LEU A 236 5.47 -12.92 51.13
CA LEU A 236 6.02 -11.81 50.37
C LEU A 236 7.15 -12.26 49.44
N THR A 237 7.90 -13.29 49.84
CA THR A 237 8.91 -13.85 48.97
C THR A 237 8.29 -14.45 47.71
N LYS A 238 7.28 -15.29 47.89
CA LYS A 238 6.58 -15.88 46.74
C LYS A 238 5.81 -14.86 45.93
N MET A 239 5.41 -13.74 46.55
CA MET A 239 4.81 -12.64 45.79
C MET A 239 5.84 -11.96 44.90
N ARG A 240 6.98 -11.55 45.48
CA ARG A 240 8.06 -10.97 44.69
C ARG A 240 8.70 -12.01 43.78
N ALA A 241 8.49 -13.30 44.04
CA ALA A 241 9.00 -14.33 43.15
C ALA A 241 8.25 -14.34 41.82
N ALA A 242 6.93 -14.27 41.87
CA ALA A 242 6.11 -14.28 40.67
C ALA A 242 6.19 -12.98 39.88
N ALA A 243 6.81 -11.94 40.44
CA ALA A 243 6.91 -10.67 39.73
C ALA A 243 7.84 -10.75 38.53
N LEU A 244 8.80 -11.68 38.53
CA LEU A 244 9.77 -11.78 37.45
C LEU A 244 9.38 -12.78 36.37
N ASP A 245 8.57 -13.79 36.70
CA ASP A 245 8.12 -14.74 35.69
C ASP A 245 7.10 -14.14 34.73
N ALA A 246 6.57 -12.96 35.04
CA ALA A 246 5.62 -12.29 34.17
C ALA A 246 6.27 -11.31 33.19
N GLN A 247 7.59 -11.11 33.30
CA GLN A 247 8.29 -10.22 32.39
C GLN A 247 8.31 -10.73 30.95
N LYS A 248 7.92 -11.98 30.73
CA LYS A 248 7.79 -12.51 29.38
C LYS A 248 6.64 -11.83 28.66
N ALA A 249 6.93 -11.19 27.53
CA ALA A 249 5.90 -10.49 26.77
C ALA A 249 4.99 -11.46 26.03
N LYS A 265 4.04 0.24 26.27
CA LYS A 265 4.97 1.19 26.86
C LYS A 265 4.56 1.56 28.28
N ASP A 266 3.26 1.75 28.48
CA ASP A 266 2.75 2.10 29.81
C ASP A 266 2.80 0.94 30.78
N PHE A 267 2.97 -0.29 30.28
CA PHE A 267 3.11 -1.45 31.16
C PHE A 267 4.40 -1.43 31.98
N ARG A 268 5.34 -0.56 31.62
CA ARG A 268 6.59 -0.45 32.38
C ARG A 268 6.41 0.44 33.60
N HIS A 269 5.82 1.63 33.40
CA HIS A 269 5.63 2.57 34.50
C HIS A 269 4.71 2.02 35.58
N GLY A 270 3.89 1.03 35.26
CA GLY A 270 3.02 0.41 36.24
C GLY A 270 3.71 -0.64 37.07
N PHE A 271 4.63 -1.38 36.45
CA PHE A 271 5.35 -2.44 37.16
C PHE A 271 6.46 -1.90 38.06
N ASP A 272 6.80 -0.62 37.95
CA ASP A 272 7.88 -0.05 38.76
C ASP A 272 7.38 0.57 40.06
N ILE A 273 6.08 0.82 40.19
CA ILE A 273 5.57 1.48 41.39
C ILE A 273 5.17 0.47 42.47
N LEU A 274 4.64 -0.69 42.08
CA LEU A 274 4.21 -1.67 43.06
C LEU A 274 5.35 -2.56 43.56
N VAL A 275 6.44 -2.67 42.80
CA VAL A 275 7.59 -3.44 43.27
C VAL A 275 8.21 -2.78 44.49
N GLY A 276 8.28 -1.44 44.49
CA GLY A 276 8.76 -0.74 45.66
C GLY A 276 7.89 -0.95 46.87
N GLN A 277 6.56 -0.98 46.67
CA GLN A 277 5.65 -1.23 47.78
C GLN A 277 5.79 -2.65 48.31
N ILE A 278 5.99 -3.62 47.40
CA ILE A 278 6.22 -5.00 47.82
C ILE A 278 7.51 -5.11 48.62
N ASP A 279 8.54 -4.38 48.21
CA ASP A 279 9.80 -4.40 48.96
C ASP A 279 9.65 -3.72 50.32
N ASP A 280 8.85 -2.66 50.38
CA ASP A 280 8.56 -2.02 51.66
C ASP A 280 7.84 -2.99 52.60
N ALA A 281 6.86 -3.72 52.07
CA ALA A 281 6.16 -4.71 52.87
C ALA A 281 7.10 -5.83 53.32
N LEU A 282 8.03 -6.22 52.46
CA LEU A 282 9.01 -7.24 52.82
C LEU A 282 9.91 -6.76 53.95
N LYS A 283 10.36 -5.50 53.87
CA LYS A 283 11.15 -4.94 54.96
C LYS A 283 10.36 -4.88 56.26
N LEU A 284 9.09 -4.46 56.18
CA LEU A 284 8.26 -4.40 57.37
C LEU A 284 8.07 -5.78 57.99
N ALA A 285 7.87 -6.80 57.15
CA ALA A 285 7.73 -8.15 57.66
C ALA A 285 9.03 -8.68 58.23
N ASN A 286 10.17 -8.24 57.70
CA ASN A 286 11.46 -8.65 58.24
C ASN A 286 11.69 -8.10 59.64
N GLU A 287 11.04 -6.99 59.98
CA GLU A 287 11.19 -6.36 61.28
C GLU A 287 10.12 -6.78 62.27
N GLY A 288 9.49 -7.93 62.04
CA GLY A 288 8.46 -8.42 62.95
C GLY A 288 7.23 -7.54 63.03
N LYS A 289 6.79 -7.01 61.90
CA LYS A 289 5.64 -6.11 61.84
C LYS A 289 4.55 -6.72 60.96
N VAL A 290 3.90 -7.76 61.50
CA VAL A 290 2.77 -8.36 60.80
C VAL A 290 1.54 -7.46 60.91
N LYS A 291 1.34 -6.86 62.09
CA LYS A 291 0.24 -5.92 62.29
C LYS A 291 0.30 -4.76 61.31
N GLU A 292 1.48 -4.43 60.78
CA GLU A 292 1.65 -3.43 59.75
C GLU A 292 1.68 -4.04 58.36
N ALA A 293 2.18 -5.28 58.23
CA ALA A 293 2.18 -5.95 56.94
C ALA A 293 0.76 -6.19 56.44
N GLN A 294 -0.21 -6.30 57.35
CA GLN A 294 -1.59 -6.46 56.93
C GLN A 294 -2.10 -5.23 56.18
N ALA A 295 -1.88 -4.04 56.75
CA ALA A 295 -2.27 -2.81 56.07
C ALA A 295 -1.45 -2.61 54.80
N ALA A 296 -0.17 -2.99 54.84
CA ALA A 296 0.65 -2.91 53.63
C ALA A 296 0.07 -3.77 52.52
N ALA A 297 -0.40 -4.97 52.85
CA ALA A 297 -0.99 -5.86 51.85
C ALA A 297 -2.34 -5.34 51.37
N GLU A 298 -3.11 -4.70 52.26
CA GLU A 298 -4.35 -4.07 51.82
C GLU A 298 -4.07 -2.99 50.76
N GLN A 299 -3.11 -2.11 51.05
CA GLN A 299 -2.74 -1.09 50.07
C GLN A 299 -2.19 -1.71 48.79
N LEU A 300 -1.44 -2.81 48.93
CA LEU A 300 -0.86 -3.48 47.77
C LEU A 300 -1.95 -4.07 46.87
N LYS A 301 -2.98 -4.66 47.47
CA LYS A 301 -4.12 -5.14 46.70
C LYS A 301 -4.82 -3.99 45.99
N THR A 302 -5.09 -2.91 46.73
CA THR A 302 -5.74 -1.75 46.13
C THR A 302 -4.91 -1.17 44.98
N THR A 303 -3.59 -1.36 45.02
CA THR A 303 -2.73 -0.86 43.95
C THR A 303 -2.70 -1.79 42.74
N ARG A 304 -2.54 -3.09 42.98
CA ARG A 304 -2.38 -4.04 41.87
C ARG A 304 -3.69 -4.27 41.12
N ASN A 305 -4.83 -4.20 41.83
CA ASN A 305 -6.09 -4.31 41.12
C ASN A 305 -6.34 -3.13 40.19
N ALA A 306 -5.55 -2.05 40.30
CA ALA A 306 -5.66 -0.94 39.37
C ALA A 306 -5.00 -1.24 38.03
N TYR A 307 -3.98 -2.10 38.02
CA TYR A 307 -3.33 -2.51 36.78
C TYR A 307 -3.92 -3.78 36.20
N ILE A 308 -4.65 -4.57 37.01
CA ILE A 308 -5.36 -5.74 36.49
C ILE A 308 -6.28 -5.33 35.33
N GLN A 309 -7.04 -4.26 35.54
CA GLN A 309 -8.03 -3.81 34.55
C GLN A 309 -7.39 -3.26 33.29
N LYS A 310 -6.12 -2.84 33.36
CA LYS A 310 -5.41 -2.38 32.17
C LYS A 310 -4.69 -3.51 31.46
N TYR A 311 -4.32 -4.57 32.19
CA TYR A 311 -3.67 -5.71 31.55
C TYR A 311 -4.67 -6.62 30.83
N LEU A 312 -5.88 -6.77 31.39
CA LEU A 312 -6.83 -7.65 30.73
C LEU A 312 -7.28 -7.08 29.39
N LYS A 313 -7.23 -5.75 29.22
CA LYS A 313 -7.54 -5.17 27.92
C LYS A 313 -6.56 -5.64 26.86
N ILE A 314 -5.27 -5.70 27.19
CA ILE A 314 -4.27 -6.18 26.24
C ILE A 314 -4.45 -7.68 25.99
N THR A 315 -4.79 -8.42 27.05
CA THR A 315 -5.13 -9.84 26.87
C THR A 315 -6.21 -10.01 25.82
N GLY A 316 -7.31 -9.27 25.97
CA GLY A 316 -8.40 -9.35 25.00
C GLY A 316 -7.88 -8.75 23.71
N ARG A 317 -6.96 -7.78 23.79
CA ARG A 317 -6.38 -7.22 22.57
C ARG A 317 -5.78 -8.30 21.65
N GLU A 318 -4.85 -9.09 22.20
CA GLU A 318 -4.31 -10.20 21.41
C GLU A 318 -5.21 -11.40 21.13
N ARG A 319 -6.17 -11.68 22.03
CA ARG A 319 -7.15 -12.72 21.73
C ARG A 319 -7.95 -12.39 20.48
N LYS A 320 -8.38 -11.14 20.33
CA LYS A 320 -9.10 -10.73 19.14
C LYS A 320 -8.23 -10.75 17.91
N ALA A 321 -6.93 -10.43 18.05
CA ALA A 321 -6.01 -10.56 16.92
C ALA A 321 -5.95 -12.00 16.43
N MET A 322 -5.79 -12.95 17.35
CA MET A 322 -5.77 -14.35 16.95
C MET A 322 -7.10 -14.77 16.34
N ARG A 323 -8.22 -14.26 16.88
CA ARG A 323 -9.53 -14.59 16.32
C ARG A 323 -9.64 -14.10 14.87
N VAL A 324 -9.18 -12.89 14.59
CA VAL A 324 -9.29 -12.37 13.23
C VAL A 324 -8.33 -13.10 12.29
N LEU A 325 -7.18 -13.55 12.80
CA LEU A 325 -6.30 -14.39 11.98
C LEU A 325 -7.01 -15.68 11.60
N ALA A 326 -7.63 -16.34 12.58
CA ALA A 326 -8.40 -17.54 12.29
C ALA A 326 -9.52 -17.26 11.29
N VAL A 327 -10.14 -16.09 11.38
CA VAL A 327 -11.22 -15.75 10.47
C VAL A 327 -10.69 -15.59 9.04
N VAL A 328 -9.55 -14.92 8.87
CA VAL A 328 -8.95 -14.77 7.54
C VAL A 328 -8.64 -16.13 6.95
N VAL A 329 -7.97 -16.99 7.71
CA VAL A 329 -7.60 -18.31 7.20
C VAL A 329 -8.84 -19.14 6.90
N GLY A 330 -9.89 -18.98 7.73
CA GLY A 330 -11.11 -19.72 7.51
C GLY A 330 -11.83 -19.29 6.25
N ALA A 331 -11.83 -17.99 5.94
CA ALA A 331 -12.41 -17.53 4.68
C ALA A 331 -11.62 -18.05 3.49
N PHE A 332 -10.28 -18.00 3.59
CA PHE A 332 -9.44 -18.60 2.54
C PHE A 332 -9.85 -20.05 2.29
N LEU A 333 -9.95 -20.84 3.35
CA LEU A 333 -10.33 -22.24 3.21
C LEU A 333 -11.73 -22.37 2.61
N VAL A 334 -12.71 -21.66 3.18
CA VAL A 334 -14.10 -21.73 2.73
C VAL A 334 -14.20 -21.53 1.23
N CYS A 335 -13.49 -20.54 0.70
CA CYS A 335 -13.70 -20.20 -0.70
C CYS A 335 -12.70 -20.83 -1.66
N TRP A 336 -11.57 -21.36 -1.20
CA TRP A 336 -10.63 -21.99 -2.11
C TRP A 336 -10.56 -23.51 -1.95
N THR A 337 -11.28 -24.09 -0.99
CA THR A 337 -11.25 -25.55 -0.85
C THR A 337 -12.05 -26.24 -1.95
N PRO A 338 -13.32 -25.89 -2.22
CA PRO A 338 -14.03 -26.56 -3.32
C PRO A 338 -13.33 -26.39 -4.66
N PHE A 339 -12.75 -25.22 -4.91
CA PHE A 339 -11.97 -25.00 -6.13
C PHE A 339 -10.93 -26.07 -6.33
N PHE A 340 -9.87 -26.06 -5.51
CA PHE A 340 -8.75 -26.96 -5.76
C PHE A 340 -9.16 -28.41 -5.56
N VAL A 341 -10.16 -28.68 -4.73
CA VAL A 341 -10.72 -30.04 -4.64
C VAL A 341 -11.20 -30.49 -6.02
N VAL A 342 -11.99 -29.66 -6.69
CA VAL A 342 -12.45 -29.98 -8.03
C VAL A 342 -11.27 -30.08 -8.99
N HIS A 343 -10.39 -29.08 -8.94
CA HIS A 343 -9.27 -29.00 -9.89
C HIS A 343 -8.32 -30.20 -9.78
N ILE A 344 -8.26 -30.84 -8.62
CA ILE A 344 -7.44 -32.04 -8.49
C ILE A 344 -8.24 -33.31 -8.77
N THR A 345 -9.50 -33.36 -8.33
CA THR A 345 -10.27 -34.60 -8.47
C THR A 345 -10.73 -34.80 -9.92
N ARG A 346 -11.44 -33.83 -10.47
CA ARG A 346 -11.94 -33.96 -11.85
C ARG A 346 -10.80 -34.18 -12.84
N ALA A 347 -9.62 -33.65 -12.54
CA ALA A 347 -8.46 -33.91 -13.40
C ALA A 347 -7.86 -35.28 -13.13
N LEU A 348 -7.95 -35.78 -11.90
CA LEU A 348 -7.42 -37.09 -11.56
C LEU A 348 -8.47 -38.21 -11.64
N CYS A 349 -9.76 -37.87 -11.62
CA CYS A 349 -10.85 -38.83 -11.66
C CYS A 349 -11.59 -38.67 -12.98
N PRO A 350 -11.17 -39.36 -14.05
CA PRO A 350 -11.77 -39.13 -15.37
C PRO A 350 -13.21 -39.61 -15.47
N ALA A 351 -13.48 -40.84 -15.06
CA ALA A 351 -14.81 -41.44 -15.16
C ALA A 351 -15.61 -41.25 -13.89
N CYS A 352 -15.59 -40.00 -13.41
CA CYS A 352 -16.32 -39.56 -12.24
C CYS A 352 -16.94 -38.22 -12.66
N PHE A 353 -18.13 -37.90 -12.15
CA PHE A 353 -18.78 -36.65 -12.53
C PHE A 353 -17.98 -35.43 -12.06
N VAL A 354 -17.83 -34.46 -12.96
CA VAL A 354 -17.09 -33.24 -12.64
C VAL A 354 -18.00 -32.02 -12.48
N SER A 355 -19.19 -32.09 -13.08
CA SER A 355 -20.16 -30.99 -13.00
C SER A 355 -19.60 -29.69 -13.57
N PRO A 356 -20.07 -29.32 -14.84
CA PRO A 356 -19.50 -28.05 -15.34
C PRO A 356 -19.92 -26.89 -14.45
N ARG A 357 -21.18 -26.90 -14.01
CA ARG A 357 -21.72 -25.88 -13.14
C ARG A 357 -20.91 -25.78 -11.85
N LEU A 358 -20.53 -26.93 -11.29
CA LEU A 358 -19.71 -26.92 -10.07
C LEU A 358 -18.33 -26.32 -10.34
N VAL A 359 -17.77 -26.57 -11.53
CA VAL A 359 -16.47 -25.98 -11.87
C VAL A 359 -16.57 -24.46 -11.89
N SER A 360 -17.56 -23.94 -12.61
CA SER A 360 -17.73 -22.49 -12.67
C SER A 360 -18.03 -21.91 -11.29
N ALA A 361 -18.81 -22.63 -10.48
CA ALA A 361 -19.17 -22.14 -9.16
C ALA A 361 -17.96 -22.09 -8.24
N VAL A 362 -17.09 -23.10 -8.30
CA VAL A 362 -15.91 -23.08 -7.43
C VAL A 362 -14.90 -22.05 -7.91
N THR A 363 -14.85 -21.79 -9.23
CA THR A 363 -14.02 -20.68 -9.71
C THR A 363 -14.53 -19.35 -9.16
N TRP A 364 -15.85 -19.14 -9.26
CA TRP A 364 -16.44 -17.91 -8.73
C TRP A 364 -16.20 -17.79 -7.23
N LEU A 365 -16.25 -18.90 -6.51
CA LEU A 365 -16.03 -18.87 -5.06
C LEU A 365 -14.58 -18.52 -4.73
N GLY A 366 -13.63 -19.20 -5.39
CA GLY A 366 -12.23 -18.89 -5.19
C GLY A 366 -11.90 -17.43 -5.50
N TYR A 367 -12.56 -16.85 -6.49
CA TYR A 367 -12.36 -15.43 -6.76
C TYR A 367 -13.14 -14.53 -5.81
N VAL A 368 -14.20 -15.04 -5.19
CA VAL A 368 -14.88 -14.30 -4.13
C VAL A 368 -13.97 -14.20 -2.91
N ASN A 369 -13.13 -15.21 -2.66
CA ASN A 369 -12.16 -15.09 -1.59
C ASN A 369 -11.21 -13.92 -1.83
N SER A 370 -10.81 -13.71 -3.08
CA SER A 370 -9.90 -12.61 -3.41
C SER A 370 -10.46 -11.26 -2.98
N ALA A 371 -11.78 -11.15 -2.84
CA ALA A 371 -12.42 -9.96 -2.30
C ALA A 371 -12.90 -10.15 -0.87
N LEU A 372 -12.72 -11.33 -0.29
CA LEU A 372 -13.14 -11.59 1.08
C LEU A 372 -12.11 -11.16 2.11
N ASN A 373 -10.82 -11.34 1.83
CA ASN A 373 -9.79 -10.95 2.78
C ASN A 373 -9.73 -9.44 3.03
N PRO A 374 -9.91 -8.56 2.02
CA PRO A 374 -9.98 -7.12 2.34
C PRO A 374 -11.30 -6.74 3.00
N ILE A 375 -12.30 -7.61 2.96
CA ILE A 375 -13.52 -7.38 3.72
C ILE A 375 -13.32 -7.74 5.19
N ILE A 376 -12.49 -8.75 5.47
CA ILE A 376 -12.27 -9.17 6.85
C ILE A 376 -11.48 -8.12 7.62
N TYR A 377 -10.46 -7.52 6.99
CA TYR A 377 -9.76 -6.41 7.63
C TYR A 377 -10.63 -5.16 7.72
N THR A 378 -11.85 -5.20 7.20
CA THR A 378 -12.72 -4.03 7.15
C THR A 378 -13.86 -4.15 8.15
N ILE A 379 -14.85 -5.02 7.88
CA ILE A 379 -16.00 -5.12 8.75
C ILE A 379 -15.77 -6.10 9.91
N PHE A 380 -15.02 -7.18 9.67
CA PHE A 380 -14.76 -8.14 10.72
C PHE A 380 -13.70 -7.66 11.71
N ASN A 381 -12.76 -6.84 11.26
CA ASN A 381 -11.70 -6.31 12.11
C ASN A 381 -11.86 -4.80 12.22
N ALA A 382 -11.78 -4.30 13.45
CA ALA A 382 -11.96 -2.87 13.72
C ALA A 382 -10.65 -2.15 13.94
N GLU A 383 -9.51 -2.81 13.69
CA GLU A 383 -8.23 -2.15 13.93
C GLU A 383 -7.90 -1.14 12.85
N PHE A 384 -8.36 -1.39 11.61
CA PHE A 384 -8.08 -0.49 10.49
C PHE A 384 -9.10 0.65 10.49
N ARG A 385 -8.85 1.61 11.38
CA ARG A 385 -9.75 2.75 11.50
C ARG A 385 -9.64 3.69 10.31
N SER A 386 -8.44 3.82 9.74
CA SER A 386 -8.22 4.71 8.60
C SER A 386 -8.92 4.13 7.37
N VAL A 387 -9.97 4.81 6.92
CA VAL A 387 -10.72 4.38 5.76
C VAL A 387 -10.27 5.12 4.51
N GLY B 19 -12.39 17.78 -46.96
CA GLY B 19 -12.05 17.70 -45.55
C GLY B 19 -10.74 18.38 -45.22
N ALA B 20 -10.64 19.67 -45.56
CA ALA B 20 -9.41 20.41 -45.33
C ALA B 20 -9.19 20.69 -43.84
N ALA B 21 -10.27 20.80 -43.07
CA ALA B 21 -10.15 21.16 -41.66
C ALA B 21 -9.37 20.11 -40.88
N ALA B 22 -9.39 18.85 -41.35
CA ALA B 22 -8.64 17.79 -40.68
C ALA B 22 -7.15 18.09 -40.68
N LEU B 23 -6.59 18.38 -41.86
CA LEU B 23 -5.18 18.70 -41.96
C LEU B 23 -4.85 20.01 -41.25
N VAL B 24 -5.79 20.97 -41.24
CA VAL B 24 -5.58 22.21 -40.50
C VAL B 24 -5.38 21.92 -39.02
N GLY B 25 -6.32 21.18 -38.42
CA GLY B 25 -6.18 20.82 -37.02
C GLY B 25 -4.93 20.00 -36.76
N GLY B 26 -4.59 19.10 -37.66
CA GLY B 26 -3.39 18.29 -37.48
C GLY B 26 -2.12 19.12 -37.46
N VAL B 27 -1.99 20.04 -38.42
CA VAL B 27 -0.80 20.89 -38.49
C VAL B 27 -0.73 21.80 -37.27
N LEU B 28 -1.88 22.36 -36.86
CA LEU B 28 -1.89 23.20 -35.65
C LEU B 28 -1.46 22.40 -34.43
N LEU B 29 -1.94 21.15 -34.32
CA LEU B 29 -1.59 20.33 -33.18
C LEU B 29 -0.11 19.99 -33.17
N ILE B 30 0.46 19.66 -34.34
CA ILE B 30 1.90 19.37 -34.42
C ILE B 30 2.70 20.61 -34.01
N GLY B 31 2.32 21.77 -34.55
CA GLY B 31 3.02 23.00 -34.19
C GLY B 31 2.96 23.29 -32.71
N LEU B 32 1.81 22.99 -32.08
CA LEU B 32 1.69 23.25 -30.65
C LEU B 32 2.42 22.22 -29.80
N VAL B 33 2.52 20.97 -30.26
CA VAL B 33 3.40 20.01 -29.60
C VAL B 33 4.83 20.52 -29.59
N LEU B 34 5.31 20.94 -30.77
CA LEU B 34 6.65 21.51 -30.86
C LEU B 34 6.81 22.70 -29.93
N ALA B 35 5.82 23.61 -29.95
CA ALA B 35 5.88 24.80 -29.10
C ALA B 35 6.00 24.42 -27.63
N GLY B 36 5.10 23.57 -27.15
CA GLY B 36 5.09 23.24 -25.73
C GLY B 36 6.36 22.53 -25.27
N ASN B 37 6.78 21.50 -26.02
CA ASN B 37 7.93 20.72 -25.57
C ASN B 37 9.22 21.51 -25.72
N SER B 38 9.39 22.22 -26.86
CA SER B 38 10.56 23.06 -27.01
CA SER B 38 10.56 23.06 -27.01
C SER B 38 10.58 24.19 -25.98
N LEU B 39 9.40 24.65 -25.54
CA LEU B 39 9.34 25.66 -24.50
C LEU B 39 9.79 25.09 -23.17
N VAL B 40 9.37 23.86 -22.86
CA VAL B 40 9.90 23.17 -21.67
C VAL B 40 11.42 23.09 -21.75
N CYS B 41 11.94 22.71 -22.91
CA CYS B 41 13.40 22.59 -23.08
C CYS B 41 14.09 23.92 -22.85
N VAL B 42 13.58 24.99 -23.47
CA VAL B 42 14.22 26.30 -23.37
C VAL B 42 14.13 26.84 -21.95
N SER B 43 12.98 26.64 -21.29
CA SER B 43 12.84 27.10 -19.91
C SER B 43 13.77 26.34 -18.98
N VAL B 44 13.99 25.05 -19.25
CA VAL B 44 14.97 24.29 -18.46
C VAL B 44 16.38 24.80 -18.74
N ALA B 45 16.64 25.19 -19.98
CA ALA B 45 17.97 25.65 -20.38
C ALA B 45 18.18 27.16 -20.17
N SER B 46 17.23 27.84 -19.53
CA SER B 46 17.40 29.27 -19.29
C SER B 46 16.98 29.70 -17.88
N GLU B 47 16.90 28.77 -16.93
CA GLU B 47 16.45 29.13 -15.59
C GLU B 47 17.45 28.74 -14.51
N ARG B 48 18.03 27.54 -14.64
CA ARG B 48 19.00 26.86 -13.77
C ARG B 48 18.42 26.49 -12.40
N THR B 49 17.22 26.92 -12.05
CA THR B 49 16.61 26.56 -10.77
C THR B 49 15.61 25.41 -10.90
N LEU B 50 15.40 24.91 -12.12
CA LEU B 50 14.43 23.85 -12.37
C LEU B 50 14.98 22.45 -12.18
N GLN B 51 16.26 22.33 -11.81
CA GLN B 51 16.89 21.01 -11.66
C GLN B 51 16.53 20.43 -10.29
N THR B 52 15.27 20.04 -10.17
CA THR B 52 14.71 19.42 -8.98
C THR B 52 14.00 18.13 -9.38
N PRO B 53 13.78 17.21 -8.43
CA PRO B 53 13.09 15.97 -8.78
C PRO B 53 11.71 16.17 -9.41
N THR B 54 11.05 17.30 -9.14
CA THR B 54 9.74 17.55 -9.74
C THR B 54 9.85 17.74 -11.24
N ASN B 55 10.82 18.53 -11.69
CA ASN B 55 11.06 18.77 -13.10
C ASN B 55 12.10 17.82 -13.68
N TYR B 56 12.65 16.92 -12.87
CA TYR B 56 13.67 15.99 -13.37
C TYR B 56 13.09 15.04 -14.41
N PHE B 57 11.83 14.64 -14.24
CA PHE B 57 11.19 13.72 -15.17
C PHE B 57 10.66 14.41 -16.41
N ILE B 58 10.37 15.71 -16.34
CA ILE B 58 9.79 16.44 -17.46
C ILE B 58 10.74 16.47 -18.66
N VAL B 59 12.04 16.30 -18.43
CA VAL B 59 12.99 16.23 -19.55
C VAL B 59 12.68 15.02 -20.42
N SER B 60 12.48 13.86 -19.80
CA SER B 60 12.13 12.66 -20.55
C SER B 60 10.79 12.83 -21.26
N LEU B 61 9.83 13.50 -20.63
CA LEU B 61 8.54 13.73 -21.26
C LEU B 61 8.70 14.58 -22.50
N ALA B 62 9.45 15.68 -22.39
CA ALA B 62 9.67 16.55 -23.55
C ALA B 62 10.39 15.81 -24.67
N ALA B 63 11.39 15.01 -24.33
CA ALA B 63 12.10 14.24 -25.34
C ALA B 63 11.17 13.27 -26.05
N ALA B 64 10.38 12.52 -25.29
CA ALA B 64 9.48 11.54 -25.89
C ALA B 64 8.41 12.21 -26.74
N ASP B 65 7.89 13.36 -26.29
CA ASP B 65 6.85 14.04 -27.05
C ASP B 65 7.41 14.66 -28.33
N LEU B 66 8.62 15.22 -28.28
CA LEU B 66 9.24 15.71 -29.50
C LEU B 66 9.53 14.58 -30.47
N LEU B 67 9.97 13.43 -29.96
CA LEU B 67 10.20 12.29 -30.83
C LEU B 67 8.90 11.81 -31.46
N LEU B 68 7.81 11.81 -30.70
CA LEU B 68 6.51 11.44 -31.24
C LEU B 68 6.05 12.45 -32.29
N ALA B 69 6.38 13.73 -32.10
CA ALA B 69 5.96 14.76 -33.04
C ALA B 69 6.86 14.86 -34.27
N VAL B 70 8.03 14.24 -34.26
CA VAL B 70 8.92 14.27 -35.41
C VAL B 70 8.89 12.96 -36.19
N LEU B 71 8.81 11.82 -35.52
CA LEU B 71 8.92 10.53 -36.18
C LEU B 71 7.58 9.86 -36.45
N VAL B 72 6.52 10.26 -35.75
CA VAL B 72 5.18 9.69 -35.94
C VAL B 72 4.23 10.72 -36.55
N LEU B 73 3.99 11.82 -35.85
CA LEU B 73 2.97 12.78 -36.27
C LEU B 73 3.13 13.28 -37.70
N PRO B 74 4.32 13.63 -38.21
CA PRO B 74 4.39 13.98 -39.63
C PRO B 74 3.93 12.86 -40.55
N LEU B 75 4.42 11.64 -40.33
CA LEU B 75 4.04 10.51 -41.15
C LEU B 75 2.65 9.99 -40.78
N PHE B 76 2.26 10.13 -39.50
CA PHE B 76 0.89 9.81 -39.13
C PHE B 76 -0.12 10.68 -39.89
N VAL B 77 0.15 11.97 -40.01
CA VAL B 77 -0.73 12.85 -40.76
C VAL B 77 -0.61 12.65 -42.27
N TYR B 78 0.59 12.32 -42.76
CA TYR B 78 0.75 11.82 -44.11
C TYR B 78 -0.28 10.74 -44.42
N SER B 79 -0.35 9.72 -43.56
CA SER B 79 -1.33 8.64 -43.76
C SER B 79 -2.75 9.18 -43.60
N GLU B 80 -2.99 9.97 -42.54
CA GLU B 80 -4.35 10.40 -42.22
C GLU B 80 -4.96 11.26 -43.32
N VAL B 81 -4.13 12.05 -44.01
CA VAL B 81 -4.61 12.80 -45.17
C VAL B 81 -4.57 11.94 -46.43
N GLN B 82 -3.68 10.95 -46.49
CA GLN B 82 -3.70 10.00 -47.60
C GLN B 82 -4.97 9.16 -47.62
N GLY B 83 -5.66 9.05 -46.50
CA GLY B 83 -6.90 8.30 -46.42
C GLY B 83 -6.82 6.94 -45.75
N GLY B 84 -5.71 6.70 -45.06
CA GLY B 84 -5.46 5.44 -44.37
C GLY B 84 -4.91 4.36 -45.29
N VAL B 85 -4.73 4.70 -46.56
CA VAL B 85 -4.20 3.76 -47.55
C VAL B 85 -2.76 3.33 -47.25
N TRP B 86 -1.92 4.28 -46.87
CA TRP B 86 -0.52 4.01 -46.56
C TRP B 86 0.21 3.41 -47.77
N LEU B 87 0.99 4.23 -48.47
CA LEU B 87 1.73 3.77 -49.64
C LEU B 87 3.14 3.29 -49.28
N LEU B 88 3.52 3.46 -48.02
CA LEU B 88 4.85 3.05 -47.54
C LEU B 88 5.00 1.54 -47.44
N SER B 89 6.24 1.06 -47.55
CA SER B 89 6.52 -0.37 -47.45
C SER B 89 6.12 -0.79 -46.04
N PRO B 90 5.54 -1.98 -45.91
CA PRO B 90 5.09 -2.43 -44.58
C PRO B 90 6.21 -2.55 -43.55
N ARG B 91 7.47 -2.65 -43.98
CA ARG B 91 8.56 -2.65 -43.02
C ARG B 91 8.78 -1.27 -42.42
N LEU B 92 8.77 -0.23 -43.27
CA LEU B 92 8.79 1.13 -42.73
C LEU B 92 7.55 1.41 -41.89
N CYS B 93 6.41 0.83 -42.28
CA CYS B 93 5.21 0.91 -41.46
C CYS B 93 5.45 0.32 -40.08
N ASP B 94 6.10 -0.84 -40.01
CA ASP B 94 6.36 -1.47 -38.73
C ASP B 94 7.37 -0.65 -37.90
N THR B 95 8.37 -0.07 -38.57
CA THR B 95 9.30 0.80 -37.84
C THR B 95 8.58 1.99 -37.23
N LEU B 96 7.68 2.62 -38.00
CA LEU B 96 6.94 3.76 -37.48
C LEU B 96 5.99 3.34 -36.36
N MET B 97 5.33 2.20 -36.51
CA MET B 97 4.45 1.71 -35.45
C MET B 97 5.24 1.41 -34.17
N ALA B 98 6.43 0.84 -34.32
CA ALA B 98 7.27 0.58 -33.15
C ALA B 98 7.70 1.89 -32.50
N MET B 99 8.07 2.89 -33.30
CA MET B 99 8.39 4.20 -32.74
C MET B 99 7.22 4.76 -31.95
N ASP B 100 6.01 4.67 -32.52
CA ASP B 100 4.83 5.20 -31.86
C ASP B 100 4.54 4.46 -30.55
N VAL B 101 4.62 3.12 -30.58
CA VAL B 101 4.43 2.35 -29.35
C VAL B 101 5.44 2.76 -28.29
N MET B 102 6.72 2.86 -28.68
CA MET B 102 7.76 3.18 -27.72
C MET B 102 7.54 4.56 -27.10
N LEU B 103 7.17 5.54 -27.91
CA LEU B 103 7.02 6.89 -27.38
C LEU B 103 5.75 7.05 -26.56
N CYS B 104 4.63 6.47 -27.02
CA CYS B 104 3.41 6.49 -26.24
C CYS B 104 3.57 5.73 -24.94
N THR B 105 4.48 4.75 -24.89
CA THR B 105 4.75 4.04 -23.65
C THR B 105 5.66 4.84 -22.74
N ALA B 106 6.67 5.51 -23.31
CA ALA B 106 7.58 6.30 -22.50
C ALA B 106 6.87 7.47 -21.84
N SER B 107 5.95 8.13 -22.56
CA SER B 107 5.23 9.25 -21.97
C SER B 107 4.42 8.80 -20.77
N ILE B 108 3.69 7.70 -20.89
CA ILE B 108 2.83 7.24 -19.80
C ILE B 108 3.68 6.72 -18.64
N TRP B 109 4.76 6.00 -18.93
CA TRP B 109 5.64 5.53 -17.87
C TRP B 109 6.30 6.69 -17.12
N ASN B 110 6.61 7.78 -17.84
CA ASN B 110 7.20 8.94 -17.17
C ASN B 110 6.17 9.71 -16.35
N LEU B 111 4.91 9.73 -16.80
CA LEU B 111 3.84 10.25 -15.93
C LEU B 111 3.73 9.42 -14.65
N CYS B 112 3.77 8.10 -14.80
CA CYS B 112 3.74 7.22 -13.64
C CYS B 112 4.94 7.49 -12.72
N ALA B 113 6.10 7.76 -13.31
CA ALA B 113 7.29 8.05 -12.51
C ALA B 113 7.16 9.39 -11.79
N ILE B 114 6.51 10.37 -12.42
CA ILE B 114 6.22 11.63 -11.74
C ILE B 114 5.37 11.38 -10.51
N SER B 115 4.29 10.61 -10.68
CA SER B 115 3.44 10.27 -9.54
C SER B 115 4.22 9.49 -8.48
N VAL B 116 5.11 8.60 -8.91
CA VAL B 116 5.95 7.85 -7.98
C VAL B 116 6.80 8.80 -7.14
N ASP B 117 7.48 9.73 -7.82
CA ASP B 117 8.35 10.68 -7.12
C ASP B 117 7.55 11.51 -6.13
N ARG B 118 6.36 11.97 -6.52
CA ARG B 118 5.54 12.75 -5.62
C ARG B 118 5.15 11.93 -4.38
N PHE B 119 4.72 10.69 -4.58
CA PHE B 119 4.32 9.87 -3.44
C PHE B 119 5.50 9.56 -2.54
N VAL B 120 6.68 9.32 -3.10
CA VAL B 120 7.83 8.98 -2.28
C VAL B 120 8.33 10.20 -1.51
N ALA B 121 8.27 11.39 -2.14
CA ALA B 121 8.61 12.61 -1.42
C ALA B 121 7.60 12.89 -0.32
N VAL B 122 6.35 12.44 -0.49
CA VAL B 122 5.39 12.56 0.60
C VAL B 122 5.65 11.53 1.70
N THR B 123 6.11 10.34 1.35
CA THR B 123 6.23 9.24 2.29
C THR B 123 7.56 9.20 3.03
N VAL B 124 8.56 9.96 2.58
CA VAL B 124 9.85 9.98 3.27
C VAL B 124 10.26 11.41 3.59
N GLY B 132 17.23 10.12 -2.45
CA GLY B 132 18.42 10.86 -2.84
C GLY B 132 18.50 11.10 -4.33
N GLN B 133 18.88 10.06 -5.08
CA GLN B 133 19.00 10.17 -6.53
C GLN B 133 18.71 8.84 -7.23
N CYS B 134 17.81 8.04 -6.67
CA CYS B 134 17.48 6.72 -7.22
C CYS B 134 16.39 6.77 -8.28
N GLN B 135 16.29 7.87 -9.02
CA GLN B 135 15.35 7.98 -10.13
C GLN B 135 16.01 7.77 -11.49
N LEU B 136 17.34 7.80 -11.56
CA LEU B 136 18.03 7.46 -12.80
C LEU B 136 17.70 6.04 -13.22
N LEU B 137 17.74 5.09 -12.27
CA LEU B 137 17.33 3.73 -12.55
C LEU B 137 15.90 3.66 -13.04
N LEU B 138 15.02 4.46 -12.43
CA LEU B 138 13.61 4.43 -12.80
C LEU B 138 13.39 4.93 -14.23
N ILE B 139 14.08 6.01 -14.62
CA ILE B 139 13.91 6.53 -15.97
C ILE B 139 14.57 5.62 -16.99
N ALA B 140 15.72 5.03 -16.63
CA ALA B 140 16.36 4.06 -17.52
C ALA B 140 15.44 2.87 -17.78
N ALA B 141 14.84 2.33 -16.71
CA ALA B 141 13.88 1.24 -16.87
C ALA B 141 12.64 1.69 -17.62
N THR B 142 12.20 2.94 -17.42
CA THR B 142 11.09 3.51 -18.19
C THR B 142 11.35 3.39 -19.68
N TRP B 143 12.47 3.95 -20.14
CA TRP B 143 12.72 3.94 -21.58
C TRP B 143 13.09 2.55 -22.08
N LEU B 144 13.71 1.72 -21.24
CA LEU B 144 14.01 0.34 -21.64
C LEU B 144 12.73 -0.46 -21.85
N LEU B 145 11.74 -0.28 -20.98
CA LEU B 145 10.46 -0.97 -21.17
C LEU B 145 9.66 -0.36 -22.30
N SER B 146 9.79 0.94 -22.53
CA SER B 146 9.19 1.56 -23.70
C SER B 146 9.75 0.94 -24.98
N ALA B 147 11.04 0.61 -24.98
CA ALA B 147 11.61 -0.08 -26.13
C ALA B 147 11.20 -1.56 -26.16
N ALA B 148 11.01 -2.18 -24.99
CA ALA B 148 10.69 -3.60 -24.94
C ALA B 148 9.29 -3.89 -25.47
N VAL B 149 8.36 -2.94 -25.30
CA VAL B 149 7.01 -3.10 -25.85
C VAL B 149 6.96 -2.77 -27.34
N ALA B 150 8.02 -2.16 -27.89
CA ALA B 150 8.09 -1.80 -29.29
C ALA B 150 8.94 -2.76 -30.11
N SER B 151 9.28 -3.92 -29.55
CA SER B 151 10.12 -4.89 -30.24
C SER B 151 9.33 -5.89 -31.09
N PRO B 152 8.18 -6.43 -30.62
CA PRO B 152 7.46 -7.41 -31.46
C PRO B 152 6.85 -6.81 -32.72
N VAL B 153 7.10 -5.53 -32.98
CA VAL B 153 6.73 -4.96 -34.27
C VAL B 153 7.74 -5.35 -35.35
N VAL B 154 8.95 -5.74 -34.96
CA VAL B 154 9.88 -6.33 -35.91
C VAL B 154 9.36 -7.68 -36.39
N CYS B 155 8.63 -8.39 -35.53
CA CYS B 155 8.02 -9.68 -35.87
C CYS B 155 6.51 -9.57 -35.64
N GLY B 156 5.85 -8.75 -36.45
CA GLY B 156 4.42 -8.54 -36.33
C GLY B 156 3.62 -9.19 -37.44
N VAL B 167 -2.98 -2.22 -44.89
CA VAL B 167 -3.08 -1.07 -44.00
C VAL B 167 -1.95 -1.12 -42.97
N CYS B 168 -1.81 -0.04 -42.21
CA CYS B 168 -0.74 0.08 -41.22
C CYS B 168 -1.30 0.35 -39.83
N ARG B 169 -2.42 -0.29 -39.50
CA ARG B 169 -2.89 -0.29 -38.12
C ARG B 169 -2.17 -1.40 -37.35
N LEU B 170 -2.54 -1.57 -36.09
CA LEU B 170 -1.97 -2.63 -35.26
C LEU B 170 -2.45 -3.97 -35.80
N GLU B 171 -1.75 -4.44 -36.83
CA GLU B 171 -2.12 -5.67 -37.54
C GLU B 171 -1.74 -6.91 -36.74
N ASN B 172 -2.21 -6.97 -35.50
CA ASN B 172 -1.95 -8.11 -34.64
C ASN B 172 -3.05 -8.25 -33.59
N ARG B 173 -3.31 -9.47 -33.12
CA ARG B 173 -4.35 -9.65 -32.12
C ARG B 173 -3.81 -9.85 -30.70
N ASP B 174 -2.91 -10.82 -30.53
CA ASP B 174 -2.34 -11.08 -29.21
C ASP B 174 -1.47 -9.93 -28.69
N TYR B 175 -0.63 -9.39 -29.57
CA TYR B 175 0.25 -8.28 -29.23
C TYR B 175 -0.50 -7.00 -28.90
N VAL B 176 -1.55 -6.74 -29.67
CA VAL B 176 -2.35 -5.53 -29.51
C VAL B 176 -2.85 -5.43 -28.07
N VAL B 177 -3.51 -6.49 -27.58
CA VAL B 177 -4.03 -6.50 -26.22
C VAL B 177 -2.88 -6.39 -25.22
N TYR B 178 -1.77 -7.07 -25.49
CA TYR B 178 -0.64 -7.03 -24.56
C TYR B 178 -0.09 -5.62 -24.39
N SER B 179 0.16 -4.94 -25.51
CA SER B 179 0.69 -3.58 -25.44
C SER B 179 -0.34 -2.60 -24.90
N SER B 180 -1.63 -2.81 -25.19
CA SER B 180 -2.66 -1.93 -24.66
C SER B 180 -2.88 -2.11 -23.17
N VAL B 181 -2.56 -3.29 -22.63
CA VAL B 181 -2.72 -3.56 -21.21
C VAL B 181 -1.50 -3.10 -20.42
N CYS B 182 -0.30 -3.53 -20.84
CA CYS B 182 0.89 -3.23 -20.06
C CYS B 182 1.31 -1.76 -20.14
N SER B 183 0.89 -1.04 -21.17
CA SER B 183 1.34 0.33 -21.38
C SER B 183 0.29 1.38 -21.00
N PHE B 184 -0.91 0.96 -20.60
CA PHE B 184 -1.93 1.93 -20.22
C PHE B 184 -2.78 1.44 -19.06
N PHE B 185 -3.30 0.22 -19.16
CA PHE B 185 -4.22 -0.28 -18.13
C PHE B 185 -3.51 -0.49 -16.79
N LEU B 186 -2.21 -0.73 -16.81
CA LEU B 186 -1.46 -0.87 -15.56
C LEU B 186 -1.04 0.50 -15.01
N PRO B 187 -0.33 1.35 -15.78
CA PRO B 187 0.16 2.60 -15.19
C PRO B 187 -0.95 3.55 -14.79
N CYS B 188 -2.09 3.55 -15.49
CA CYS B 188 -3.18 4.44 -15.11
C CYS B 188 -3.68 4.14 -13.71
N ILE B 189 -4.03 2.88 -13.43
CA ILE B 189 -4.52 2.54 -12.11
C ILE B 189 -3.40 2.64 -11.07
N LEU B 190 -2.14 2.38 -11.48
CA LEU B 190 -1.04 2.51 -10.54
C LEU B 190 -0.87 3.96 -10.08
N MET B 191 -0.90 4.90 -11.03
CA MET B 191 -0.77 6.30 -10.65
C MET B 191 -2.01 6.81 -9.94
N LEU B 192 -3.19 6.25 -10.24
CA LEU B 192 -4.38 6.62 -9.48
C LEU B 192 -4.24 6.21 -8.02
N LEU B 193 -3.79 4.97 -7.78
CA LEU B 193 -3.57 4.50 -6.42
C LEU B 193 -2.50 5.34 -5.72
N LEU B 194 -1.40 5.63 -6.41
CA LEU B 194 -0.35 6.46 -5.83
C LEU B 194 -0.86 7.86 -5.52
N TYR B 195 -1.78 8.39 -6.33
CA TYR B 195 -2.29 9.73 -6.09
C TYR B 195 -3.22 9.79 -4.90
N TRP B 196 -4.11 8.79 -4.76
CA TRP B 196 -4.91 8.72 -3.55
C TRP B 196 -4.04 8.49 -2.33
N ALA B 197 -2.91 7.79 -2.49
CA ALA B 197 -1.98 7.62 -1.39
C ALA B 197 -1.33 8.94 -1.02
N THR B 198 -0.97 9.75 -2.02
CA THR B 198 -0.47 11.10 -1.74
C THR B 198 -1.49 11.91 -0.96
N PHE B 199 -2.75 11.87 -1.41
CA PHE B 199 -3.81 12.59 -0.69
C PHE B 199 -3.90 12.14 0.76
N ARG B 200 -3.95 10.83 0.99
CA ARG B 200 -4.12 10.33 2.35
C ARG B 200 -2.90 10.66 3.22
N GLY B 201 -1.70 10.55 2.66
CA GLY B 201 -0.50 10.85 3.44
C GLY B 201 -0.40 12.33 3.77
N LEU B 202 -0.76 13.20 2.83
CA LEU B 202 -0.76 14.63 3.12
C LEU B 202 -1.81 14.98 4.16
N ARG B 203 -2.98 14.32 4.09
CA ARG B 203 -4.00 14.54 5.11
C ARG B 203 -3.51 14.09 6.47
N ARG B 204 -2.76 12.98 6.53
CA ARG B 204 -2.24 12.51 7.82
C ARG B 204 -1.16 13.45 8.35
N TRP B 205 -0.30 13.98 7.49
CA TRP B 205 0.68 14.97 7.93
C TRP B 205 0.00 16.21 8.48
N GLU B 206 -1.00 16.71 7.75
CA GLU B 206 -1.80 17.84 8.22
C GLU B 206 -2.42 17.55 9.58
N ALA B 207 -3.02 16.36 9.73
CA ALA B 207 -3.71 16.02 10.97
C ALA B 207 -2.73 15.90 12.13
N ASP B 208 -1.57 15.29 11.91
CA ASP B 208 -0.58 15.20 12.97
C ASP B 208 -0.10 16.57 13.41
N LEU B 209 0.16 17.47 12.46
CA LEU B 209 0.68 18.78 12.84
C LEU B 209 -0.39 19.63 13.52
N GLU B 210 -1.65 19.53 13.06
CA GLU B 210 -2.73 20.22 13.76
C GLU B 210 -2.97 19.63 15.15
N ASP B 211 -2.77 18.32 15.31
CA ASP B 211 -2.89 17.70 16.62
C ASP B 211 -1.81 18.21 17.57
N ASN B 212 -0.58 18.34 17.07
CA ASN B 212 0.48 18.93 17.89
C ASN B 212 0.16 20.39 18.22
N TRP B 213 -0.42 21.12 17.26
CA TRP B 213 -0.84 22.50 17.52
C TRP B 213 -1.81 22.58 18.69
N GLU B 214 -2.89 21.79 18.63
CA GLU B 214 -3.88 21.85 19.70
C GLU B 214 -3.36 21.27 21.01
N THR B 215 -2.43 20.31 20.93
CA THR B 215 -1.82 19.77 22.14
C THR B 215 -0.99 20.84 22.85
N LEU B 216 -0.20 21.59 22.08
CA LEU B 216 0.57 22.69 22.67
C LEU B 216 -0.36 23.77 23.18
N ASN B 217 -1.47 24.04 22.49
CA ASN B 217 -2.45 24.98 23.00
C ASN B 217 -2.96 24.56 24.38
N ASP B 218 -3.37 23.30 24.51
CA ASP B 218 -3.89 22.81 25.79
C ASP B 218 -2.83 22.86 26.86
N ASN B 219 -1.60 22.43 26.55
CA ASN B 219 -0.56 22.39 27.56
C ASN B 219 -0.15 23.79 28.01
N LEU B 220 -0.14 24.76 27.08
CA LEU B 220 0.18 26.14 27.46
C LEU B 220 -0.94 26.74 28.30
N LYS B 221 -2.21 26.47 27.92
CA LYS B 221 -3.31 26.93 28.75
C LYS B 221 -3.29 26.27 30.13
N VAL B 222 -2.71 25.08 30.24
CA VAL B 222 -2.56 24.44 31.54
C VAL B 222 -1.47 25.12 32.35
N ILE B 223 -0.30 25.33 31.74
CA ILE B 223 0.83 25.92 32.45
C ILE B 223 0.52 27.34 32.90
N GLU B 224 -0.31 28.05 32.15
CA GLU B 224 -0.69 29.38 32.60
C GLU B 224 -1.37 29.24 33.96
N LYS B 225 -2.16 28.17 34.12
CA LYS B 225 -2.90 27.90 35.37
C LYS B 225 -2.36 26.81 36.31
N ALA B 226 -1.13 26.34 36.08
CA ALA B 226 -0.54 25.26 36.91
C ALA B 226 -0.31 25.62 38.39
N ASP B 227 -0.43 24.63 39.27
CA ASP B 227 -0.26 24.84 40.72
C ASP B 227 1.06 24.29 41.31
N ASN B 228 1.10 23.00 41.65
CA ASN B 228 2.33 22.45 42.19
C ASN B 228 3.32 22.12 41.07
N ALA B 229 4.52 21.70 41.47
CA ALA B 229 5.62 21.63 40.53
C ALA B 229 5.67 20.31 39.77
N ALA B 230 5.22 19.21 40.39
CA ALA B 230 5.24 17.91 39.71
C ALA B 230 4.34 17.92 38.48
N GLN B 231 3.18 18.57 38.58
CA GLN B 231 2.31 18.70 37.41
C GLN B 231 2.99 19.51 36.31
N VAL B 232 3.75 20.54 36.69
CA VAL B 232 4.48 21.32 35.70
C VAL B 232 5.54 20.46 35.02
N LYS B 233 6.25 19.64 35.80
CA LYS B 233 7.24 18.74 35.22
C LYS B 233 6.60 17.78 34.21
N ASP B 234 5.48 17.17 34.60
CA ASP B 234 4.80 16.23 33.72
C ASP B 234 4.31 16.92 32.45
N ALA B 235 3.66 18.07 32.59
CA ALA B 235 3.13 18.78 31.43
C ALA B 235 4.23 19.29 30.52
N LEU B 236 5.37 19.67 31.08
CA LEU B 236 6.47 20.13 30.24
C LEU B 236 7.15 18.98 29.53
N THR B 237 7.23 17.81 30.17
CA THR B 237 7.64 16.60 29.45
C THR B 237 6.69 16.33 28.29
N LYS B 238 5.38 16.48 28.52
CA LYS B 238 4.41 16.31 27.45
C LYS B 238 4.64 17.31 26.31
N MET B 239 4.92 18.57 26.66
CA MET B 239 5.14 19.59 25.64
C MET B 239 6.40 19.30 24.84
N ARG B 240 7.48 18.90 25.50
CA ARG B 240 8.69 18.51 24.79
C ARG B 240 8.43 17.32 23.86
N ALA B 241 7.67 16.33 24.35
CA ALA B 241 7.37 15.16 23.54
C ALA B 241 6.58 15.55 22.29
N ALA B 242 5.60 16.44 22.44
CA ALA B 242 4.82 16.89 21.29
C ALA B 242 5.68 17.70 20.32
N ALA B 243 6.54 18.57 20.85
CA ALA B 243 7.41 19.38 20.00
C ALA B 243 8.33 18.51 19.16
N LEU B 244 8.88 17.44 19.76
CA LEU B 244 9.75 16.55 19.01
C LEU B 244 8.97 15.61 18.10
N ASP B 245 7.73 15.27 18.47
CA ASP B 245 6.90 14.42 17.62
C ASP B 245 6.45 15.16 16.36
N ALA B 246 6.35 16.50 16.44
CA ALA B 246 6.01 17.28 15.26
C ALA B 246 7.18 17.39 14.30
N GLN B 247 8.41 17.19 14.76
CA GLN B 247 9.61 17.35 13.94
C GLN B 247 9.72 16.17 12.98
N LYS B 248 9.04 16.28 11.85
CA LYS B 248 9.12 15.26 10.80
C LYS B 248 9.28 15.91 9.43
N PRO B 262 15.00 25.24 0.19
CA PRO B 262 15.50 26.58 0.54
C PRO B 262 14.72 27.20 1.69
N GLU B 263 13.47 26.77 1.88
CA GLU B 263 12.63 27.28 2.96
C GLU B 263 12.16 26.20 3.92
N MET B 264 12.39 24.92 3.62
CA MET B 264 12.08 23.87 4.59
C MET B 264 13.04 23.88 5.78
N LYS B 265 14.17 24.56 5.65
CA LYS B 265 15.11 24.68 6.77
C LYS B 265 14.69 25.76 7.75
N ASP B 266 14.10 26.85 7.26
CA ASP B 266 13.62 27.91 8.15
C ASP B 266 12.46 27.45 9.02
N PHE B 267 11.78 26.37 8.64
CA PHE B 267 10.74 25.82 9.49
C PHE B 267 11.31 24.98 10.63
N ARG B 268 12.41 24.27 10.37
CA ARG B 268 13.03 23.46 11.41
C ARG B 268 13.85 24.31 12.38
N HIS B 269 14.32 25.48 11.94
CA HIS B 269 15.04 26.36 12.84
C HIS B 269 14.13 26.83 13.99
N GLY B 270 12.84 27.03 13.70
CA GLY B 270 11.88 27.30 14.76
C GLY B 270 11.58 26.08 15.61
N PHE B 271 11.77 24.88 15.07
CA PHE B 271 11.59 23.67 15.85
C PHE B 271 12.63 23.56 16.95
N ASP B 272 13.92 23.60 16.58
CA ASP B 272 14.98 23.50 17.58
C ASP B 272 15.00 24.71 18.51
N ILE B 273 14.57 25.88 18.02
CA ILE B 273 14.45 27.03 18.90
C ILE B 273 13.43 26.76 19.99
N LEU B 274 12.27 26.22 19.62
CA LEU B 274 11.25 25.89 20.59
C LEU B 274 11.69 24.76 21.52
N VAL B 275 12.48 23.81 21.00
CA VAL B 275 13.01 22.74 21.84
C VAL B 275 13.96 23.31 22.88
N GLY B 276 14.87 24.19 22.46
CA GLY B 276 15.78 24.82 23.40
C GLY B 276 15.06 25.69 24.41
N GLN B 277 13.98 26.34 24.01
CA GLN B 277 13.23 27.15 24.96
C GLN B 277 12.44 26.28 25.95
N ILE B 278 11.94 25.14 25.49
CA ILE B 278 11.32 24.18 26.40
C ILE B 278 12.36 23.62 27.37
N ASP B 279 13.59 23.43 26.90
CA ASP B 279 14.66 23.00 27.80
C ASP B 279 14.97 24.08 28.83
N ASP B 280 15.01 25.34 28.39
CA ASP B 280 15.16 26.46 29.33
C ASP B 280 14.08 26.42 30.40
N ALA B 281 12.82 26.32 29.98
CA ALA B 281 11.71 26.31 30.92
C ALA B 281 11.77 25.09 31.84
N LEU B 282 12.20 23.94 31.30
CA LEU B 282 12.27 22.73 32.11
C LEU B 282 13.36 22.84 33.16
N LYS B 283 14.51 23.42 32.80
CA LYS B 283 15.55 23.66 33.78
C LYS B 283 15.06 24.61 34.88
N LEU B 284 14.50 25.76 34.47
CA LEU B 284 14.02 26.74 35.45
C LEU B 284 12.86 26.21 36.29
N ALA B 285 12.13 25.21 35.81
CA ALA B 285 11.01 24.65 36.55
C ALA B 285 11.46 23.55 37.51
N ASN B 286 12.21 22.56 37.02
CA ASN B 286 12.75 21.53 37.89
C ASN B 286 13.72 22.09 38.92
N GLU B 287 14.22 23.32 38.70
CA GLU B 287 14.93 23.97 39.79
C GLU B 287 13.98 24.47 40.90
N GLY B 288 12.70 24.15 40.84
CA GLY B 288 11.78 24.52 41.89
C GLY B 288 11.21 25.92 41.78
N LYS B 289 11.14 26.47 40.57
CA LYS B 289 10.69 27.84 40.34
C LYS B 289 9.46 27.79 39.44
N VAL B 290 8.31 28.22 39.97
CA VAL B 290 7.04 28.11 39.25
C VAL B 290 6.82 29.31 38.33
N LYS B 291 7.16 30.51 38.79
CA LYS B 291 6.90 31.71 37.99
C LYS B 291 7.73 31.73 36.72
N GLU B 292 8.95 31.20 36.76
CA GLU B 292 9.81 31.20 35.57
C GLU B 292 9.26 30.28 34.49
N ALA B 293 8.51 29.23 34.88
CA ALA B 293 7.83 28.40 33.90
C ALA B 293 6.89 29.24 33.04
N GLN B 294 6.07 30.08 33.68
CA GLN B 294 5.18 30.97 32.94
C GLN B 294 5.96 32.04 32.19
N ALA B 295 7.06 32.53 32.78
CA ALA B 295 7.88 33.53 32.11
C ALA B 295 8.41 33.01 30.78
N ALA B 296 8.85 31.75 30.75
CA ALA B 296 9.29 31.16 29.49
C ALA B 296 8.12 30.75 28.62
N ALA B 297 6.99 30.37 29.22
CA ALA B 297 5.82 29.96 28.46
C ALA B 297 5.23 31.11 27.66
N GLU B 298 5.42 32.35 28.12
CA GLU B 298 4.98 33.51 27.34
C GLU B 298 5.67 33.53 25.98
N GLN B 299 7.00 33.52 25.98
CA GLN B 299 7.74 33.51 24.72
C GLN B 299 7.51 32.22 23.93
N LEU B 300 7.29 31.10 24.63
CA LEU B 300 6.98 29.86 23.93
C LEU B 300 5.65 29.96 23.18
N LYS B 301 4.64 30.56 23.81
CA LYS B 301 3.36 30.80 23.14
C LYS B 301 3.54 31.74 21.96
N THR B 302 4.38 32.76 22.13
CA THR B 302 4.66 33.67 21.01
C THR B 302 5.25 32.91 19.82
N THR B 303 6.27 32.10 20.08
CA THR B 303 6.89 31.33 19.00
C THR B 303 5.89 30.36 18.37
N ARG B 304 5.06 29.72 19.20
CA ARG B 304 4.08 28.75 18.71
C ARG B 304 3.08 29.39 17.77
N ASN B 305 2.46 30.50 18.20
CA ASN B 305 1.49 31.14 17.33
C ASN B 305 2.13 31.99 16.24
N ALA B 306 3.47 32.13 16.24
CA ALA B 306 4.15 32.78 15.14
C ALA B 306 4.51 31.81 14.02
N TYR B 307 4.90 30.58 14.35
CA TYR B 307 5.29 29.61 13.34
C TYR B 307 4.09 29.08 12.54
N ILE B 308 2.88 29.25 13.06
CA ILE B 308 1.71 28.67 12.40
C ILE B 308 1.43 29.35 11.07
N GLN B 309 1.80 30.62 10.93
CA GLN B 309 1.65 31.30 9.64
C GLN B 309 2.43 30.57 8.55
N LYS B 310 3.72 30.34 8.78
CA LYS B 310 4.54 29.60 7.81
C LYS B 310 4.05 28.17 7.65
N TYR B 311 3.58 27.55 8.73
CA TYR B 311 3.06 26.18 8.61
C TYR B 311 1.87 26.13 7.66
N LEU B 312 0.90 27.03 7.82
CA LEU B 312 -0.27 27.04 6.95
C LEU B 312 0.10 27.44 5.52
N LYS B 313 1.08 28.33 5.37
CA LYS B 313 1.58 28.63 4.03
C LYS B 313 2.15 27.39 3.36
N ILE B 314 2.87 26.57 4.13
CA ILE B 314 3.44 25.34 3.58
C ILE B 314 2.34 24.35 3.22
N THR B 315 1.30 24.27 4.04
CA THR B 315 0.17 23.39 3.72
C THR B 315 -0.50 23.82 2.42
N GLY B 316 -0.73 25.13 2.25
CA GLY B 316 -1.29 25.62 1.00
C GLY B 316 -0.40 25.34 -0.18
N ARG B 317 0.92 25.49 0.00
CA ARG B 317 1.85 25.20 -1.09
C ARG B 317 1.80 23.72 -1.48
N GLU B 318 1.69 22.83 -0.50
CA GLU B 318 1.60 21.41 -0.80
C GLU B 318 0.30 21.07 -1.52
N ARG B 319 -0.82 21.67 -1.08
CA ARG B 319 -2.08 21.44 -1.77
C ARG B 319 -2.02 21.93 -3.21
N LYS B 320 -1.37 23.09 -3.43
CA LYS B 320 -1.24 23.59 -4.80
C LYS B 320 -0.33 22.70 -5.63
N ALA B 321 0.71 22.14 -5.01
CA ALA B 321 1.61 21.24 -5.73
C ALA B 321 0.99 19.88 -6.01
N MET B 322 -0.09 19.53 -5.30
CA MET B 322 -0.81 18.30 -5.61
C MET B 322 -1.95 18.51 -6.61
N ARG B 323 -2.54 19.72 -6.63
CA ARG B 323 -3.61 20.00 -7.58
C ARG B 323 -3.12 19.91 -9.03
N VAL B 324 -1.86 20.28 -9.27
CA VAL B 324 -1.31 20.16 -10.63
C VAL B 324 -1.21 18.69 -11.03
N LEU B 325 -0.80 17.82 -10.10
CA LEU B 325 -0.83 16.39 -10.35
C LEU B 325 -2.24 15.93 -10.71
N ALA B 326 -3.22 16.39 -9.94
CA ALA B 326 -4.62 16.04 -10.22
C ALA B 326 -4.98 16.40 -11.66
N VAL B 327 -4.75 17.66 -12.04
CA VAL B 327 -5.15 18.12 -13.37
C VAL B 327 -4.40 17.34 -14.45
N VAL B 328 -3.09 17.12 -14.25
CA VAL B 328 -2.28 16.46 -15.26
C VAL B 328 -2.77 15.03 -15.49
N VAL B 329 -2.92 14.26 -14.41
CA VAL B 329 -3.32 12.87 -14.56
C VAL B 329 -4.74 12.77 -15.08
N GLY B 330 -5.62 13.70 -14.68
CA GLY B 330 -6.99 13.68 -15.19
C GLY B 330 -7.04 13.95 -16.68
N ALA B 331 -6.29 14.95 -17.16
CA ALA B 331 -6.27 15.23 -18.59
C ALA B 331 -5.64 14.08 -19.37
N PHE B 332 -4.58 13.47 -18.82
CA PHE B 332 -3.97 12.31 -19.46
C PHE B 332 -4.98 11.17 -19.59
N LEU B 333 -5.75 10.91 -18.54
CA LEU B 333 -6.78 9.88 -18.60
C LEU B 333 -7.82 10.23 -19.67
N VAL B 334 -8.34 11.46 -19.62
CA VAL B 334 -9.37 11.88 -20.56
C VAL B 334 -8.90 11.70 -22.00
N CYS B 335 -7.62 11.97 -22.25
CA CYS B 335 -7.12 11.93 -23.62
C CYS B 335 -6.79 10.51 -24.08
N TRP B 336 -6.10 9.72 -23.24
CA TRP B 336 -5.59 8.42 -23.65
C TRP B 336 -6.45 7.26 -23.17
N THR B 337 -7.67 7.51 -22.68
CA THR B 337 -8.50 6.38 -22.28
C THR B 337 -9.30 5.81 -23.46
N PRO B 338 -10.10 6.61 -24.17
CA PRO B 338 -10.94 6.03 -25.23
C PRO B 338 -10.15 5.32 -26.31
N PHE B 339 -8.96 5.81 -26.65
CA PHE B 339 -8.11 5.15 -27.64
C PHE B 339 -7.86 3.70 -27.26
N PHE B 340 -7.25 3.48 -26.10
CA PHE B 340 -6.89 2.11 -25.71
C PHE B 340 -8.12 1.27 -25.38
N VAL B 341 -9.19 1.91 -24.89
CA VAL B 341 -10.43 1.17 -24.65
C VAL B 341 -10.96 0.60 -25.96
N VAL B 342 -11.09 1.44 -26.98
CA VAL B 342 -11.58 0.97 -28.27
C VAL B 342 -10.61 -0.02 -28.91
N HIS B 343 -9.30 0.16 -28.68
CA HIS B 343 -8.32 -0.78 -29.23
C HIS B 343 -8.49 -2.16 -28.62
N ILE B 344 -8.55 -2.25 -27.30
CA ILE B 344 -8.70 -3.55 -26.65
C ILE B 344 -10.08 -4.13 -26.93
N THR B 345 -11.08 -3.27 -27.20
CA THR B 345 -12.39 -3.78 -27.57
C THR B 345 -12.36 -4.42 -28.95
N ARG B 346 -11.80 -3.71 -29.94
CA ARG B 346 -11.69 -4.24 -31.29
C ARG B 346 -10.82 -5.49 -31.33
N ALA B 347 -9.83 -5.58 -30.45
CA ALA B 347 -9.03 -6.80 -30.35
C ALA B 347 -9.75 -7.92 -29.61
N LEU B 348 -10.69 -7.59 -28.73
CA LEU B 348 -11.48 -8.59 -28.04
C LEU B 348 -12.82 -8.88 -28.72
N CYS B 349 -13.33 -7.92 -29.50
CA CYS B 349 -14.62 -8.05 -30.19
C CYS B 349 -14.34 -7.97 -31.69
N PRO B 350 -13.88 -9.07 -32.30
CA PRO B 350 -13.53 -9.01 -33.73
C PRO B 350 -14.71 -8.66 -34.62
N ALA B 351 -15.72 -9.53 -34.66
CA ALA B 351 -16.91 -9.29 -35.49
C ALA B 351 -17.80 -8.23 -34.87
N CYS B 352 -17.22 -7.08 -34.53
CA CYS B 352 -17.94 -5.97 -33.92
C CYS B 352 -17.46 -4.67 -34.55
N PHE B 353 -18.40 -3.82 -34.94
CA PHE B 353 -18.09 -2.70 -35.82
C PHE B 353 -17.24 -1.65 -35.11
N VAL B 354 -16.15 -1.24 -35.77
CA VAL B 354 -15.30 -0.15 -35.32
C VAL B 354 -15.05 0.73 -36.55
N SER B 355 -15.78 1.83 -36.66
CA SER B 355 -15.63 2.71 -37.82
C SER B 355 -14.28 3.40 -37.78
N PRO B 356 -13.62 3.58 -38.94
CA PRO B 356 -12.30 4.21 -38.96
C PRO B 356 -12.32 5.67 -38.51
N ARG B 357 -13.47 6.35 -38.62
CA ARG B 357 -13.57 7.70 -38.06
C ARG B 357 -13.29 7.68 -36.57
N LEU B 358 -13.75 6.65 -35.87
CA LEU B 358 -13.40 6.48 -34.46
C LEU B 358 -11.89 6.36 -34.30
N VAL B 359 -11.23 5.61 -35.19
CA VAL B 359 -9.78 5.45 -35.12
C VAL B 359 -9.09 6.80 -35.20
N SER B 360 -9.44 7.58 -36.23
CA SER B 360 -8.82 8.89 -36.40
C SER B 360 -9.10 9.81 -35.22
N ALA B 361 -10.35 9.82 -34.74
CA ALA B 361 -10.72 10.71 -33.65
C ALA B 361 -9.97 10.37 -32.37
N VAL B 362 -9.92 9.08 -32.02
CA VAL B 362 -9.26 8.70 -30.77
C VAL B 362 -7.75 8.82 -30.91
N THR B 363 -7.19 8.70 -32.12
CA THR B 363 -5.76 8.93 -32.28
C THR B 363 -5.42 10.39 -32.08
N TRP B 364 -6.22 11.30 -32.66
CA TRP B 364 -6.05 12.72 -32.37
C TRP B 364 -6.21 13.00 -30.88
N LEU B 365 -7.20 12.37 -30.24
CA LEU B 365 -7.42 12.57 -28.81
C LEU B 365 -6.20 12.14 -28.01
N GLY B 366 -5.58 11.03 -28.40
CA GLY B 366 -4.38 10.59 -27.72
C GLY B 366 -3.23 11.56 -27.90
N TYR B 367 -3.00 12.02 -29.13
CA TYR B 367 -1.93 12.97 -29.37
C TYR B 367 -2.17 14.31 -28.69
N VAL B 368 -3.43 14.63 -28.38
CA VAL B 368 -3.73 15.87 -27.68
C VAL B 368 -3.05 15.89 -26.31
N ASN B 369 -2.93 14.74 -25.64
CA ASN B 369 -2.26 14.70 -24.35
C ASN B 369 -0.77 15.01 -24.48
N SER B 370 -0.12 14.43 -25.49
CA SER B 370 1.28 14.75 -25.76
C SER B 370 1.45 16.21 -26.10
N ALA B 371 0.43 16.82 -26.71
CA ALA B 371 0.46 18.26 -26.94
C ALA B 371 0.30 19.04 -25.65
N LEU B 372 -0.56 18.54 -24.75
CA LEU B 372 -1.04 19.37 -23.64
C LEU B 372 -0.11 19.34 -22.44
N ASN B 373 0.50 18.19 -22.15
CA ASN B 373 1.23 18.04 -20.90
C ASN B 373 2.27 19.13 -20.63
N PRO B 374 3.07 19.61 -21.59
CA PRO B 374 3.98 20.72 -21.26
C PRO B 374 3.22 22.00 -20.97
N ILE B 375 2.13 22.25 -21.69
CA ILE B 375 1.30 23.42 -21.41
C ILE B 375 0.74 23.35 -19.99
N ILE B 376 0.32 22.16 -19.57
CA ILE B 376 -0.24 22.01 -18.23
C ILE B 376 0.88 22.21 -17.21
N TYR B 377 2.08 21.67 -17.49
CA TYR B 377 3.20 21.91 -16.58
C TYR B 377 3.53 23.39 -16.48
N THR B 378 3.45 24.12 -17.59
CA THR B 378 3.76 25.55 -17.55
C THR B 378 2.70 26.40 -16.86
N ILE B 379 1.43 26.04 -17.01
CA ILE B 379 0.35 26.84 -16.43
C ILE B 379 0.37 26.76 -14.91
N PHE B 380 0.63 25.57 -14.37
CA PHE B 380 0.59 25.35 -12.92
C PHE B 380 2.00 25.33 -12.34
N ASN B 381 2.05 25.44 -11.01
CA ASN B 381 3.25 25.52 -10.19
C ASN B 381 4.10 26.74 -10.57
N ALA B 382 4.48 27.52 -9.56
CA ALA B 382 5.01 28.86 -9.75
C ALA B 382 6.40 28.88 -10.38
N GLU B 383 6.98 27.72 -10.70
CA GLU B 383 8.28 27.70 -11.36
C GLU B 383 8.19 28.31 -12.75
N PHE B 384 7.22 27.86 -13.54
CA PHE B 384 6.98 28.41 -14.87
C PHE B 384 5.84 29.42 -14.90
N ARG B 385 5.06 29.54 -13.82
CA ARG B 385 3.92 30.44 -13.83
C ARG B 385 4.34 31.88 -13.53
N SER B 386 5.33 32.08 -12.67
CA SER B 386 5.78 33.41 -12.28
C SER B 386 6.87 33.97 -13.18
N VAL B 387 7.50 33.15 -14.00
CA VAL B 387 8.59 33.62 -14.85
C VAL B 387 8.05 34.34 -16.08
N PHE B 388 7.11 33.70 -16.78
CA PHE B 388 6.57 34.23 -18.03
C PHE B 388 5.78 35.52 -17.78
#